data_6FRD
#
_entry.id   6FRD
#
_cell.length_a   113.980
_cell.length_b   113.480
_cell.length_c   68.220
_cell.angle_alpha   90.00
_cell.angle_beta   107.89
_cell.angle_gamma   90.00
#
_symmetry.space_group_name_H-M   'C 1 2 1'
#
loop_
_entity.id
_entity.type
_entity.pdbx_description
1 polymer Phosphodiesterase
2 non-polymer 'ZINC ION'
3 non-polymer 'MAGNESIUM ION'
4 non-polymer GUANIDINE
5 non-polymer 'FORMIC ACID'
6 non-polymer '1-cycloheptyl-3-{4-methoxy-3-[(2-methoxyphenyl)methoxy]phenyl}-4,4-dimethyl-4,5-dihydro- 1H-pyrazol-5-one'
7 water water
#
_entity_poly.entity_id   1
_entity_poly.type   'polypeptide(L)'
_entity_poly.pdbx_seq_one_letter_code
;GSHMASELNEHRATLFNKNVPSRAVKRVTAITKVEREAVLVCELPSFDVTDVEFDLFRARESTDKPLDVAAAIAYRLLLG
SGLPQKFGCSDEVLLNFILQCRKKYRNVPYHNFYHVVDVCQTIHTFLYRGNVYEKLTELECFVLLITALVHDLDHMGLNN
SFYLKTESPLGILSSASGNTSVLEVHHCNLAVEILSDPESDVFDGLEGAERTLAFRSMIDCVLATDMAKHGSALEAFLAS
AADQSSDEAAFHRMTMEIILKAGDISNVTKPFDISRQWAMAVTEEFYRQGDMEKERGVEVLPMFDRSKNMELAKGQIGFI
DFVAAPFFQKIVDACLQGMQWTVDRIKSNRAQWERVLETR
;
_entity_poly.pdbx_strand_id   A,B
#
# COMPACT_ATOMS: atom_id res chain seq x y z
N THR A 29 -0.69 13.79 -9.99
CA THR A 29 0.05 14.73 -10.86
C THR A 29 -0.32 14.45 -12.33
N ALA A 30 -1.15 15.34 -12.88
CA ALA A 30 -1.67 15.22 -14.25
C ALA A 30 -0.55 15.05 -15.30
N ILE A 31 -0.95 14.48 -16.43
CA ILE A 31 -0.06 14.26 -17.56
C ILE A 31 -0.17 15.50 -18.47
N THR A 32 0.96 16.14 -18.78
CA THR A 32 0.99 17.30 -19.70
C THR A 32 0.62 16.84 -21.09
N LYS A 33 0.21 17.79 -21.93
CA LYS A 33 -0.03 17.53 -23.34
C LYS A 33 1.32 17.24 -24.04
N VAL A 34 2.42 17.79 -23.52
CA VAL A 34 3.77 17.62 -24.11
C VAL A 34 4.28 16.17 -23.97
N GLU A 35 4.09 15.61 -22.78
CA GLU A 35 4.40 14.21 -22.50
C GLU A 35 3.66 13.28 -23.46
N ARG A 36 2.37 13.53 -23.68
CA ARG A 36 1.56 12.74 -24.63
C ARG A 36 2.05 12.87 -26.07
N GLU A 37 2.25 14.10 -26.54
CA GLU A 37 2.68 14.36 -27.93
C GLU A 37 4.02 13.71 -28.28
N ALA A 38 4.96 13.74 -27.32
CA ALA A 38 6.26 13.04 -27.45
C ALA A 38 6.12 11.54 -27.75
N VAL A 39 5.16 10.88 -27.09
CA VAL A 39 4.83 9.50 -27.35
C VAL A 39 4.14 9.37 -28.71
N LEU A 40 3.17 10.25 -28.96
CA LEU A 40 2.37 10.19 -30.21
C LEU A 40 3.19 10.41 -31.50
N VAL A 41 4.28 11.18 -31.46
CA VAL A 41 5.12 11.37 -32.65
C VAL A 41 5.89 10.12 -33.07
N CYS A 42 6.20 9.22 -32.13
CA CYS A 42 7.04 8.06 -32.45
C CYS A 42 6.45 7.20 -33.55
N GLU A 43 7.19 7.08 -34.65
CA GLU A 43 6.72 6.32 -35.82
C GLU A 43 6.68 4.81 -35.66
N LEU A 44 7.77 4.22 -35.16
CA LEU A 44 7.93 2.76 -35.02
C LEU A 44 8.27 2.11 -36.38
N PRO A 45 9.31 2.64 -37.07
CA PRO A 45 9.36 2.51 -38.56
C PRO A 45 9.59 1.12 -39.16
N SER A 46 10.67 0.45 -38.76
CA SER A 46 11.01 -0.91 -39.28
C SER A 46 10.63 -2.04 -38.27
N PHE A 47 9.49 -1.90 -37.59
CA PHE A 47 9.16 -2.72 -36.41
C PHE A 47 7.75 -3.31 -36.49
N ASP A 48 7.63 -4.64 -36.34
CA ASP A 48 6.32 -5.28 -36.13
C ASP A 48 6.16 -5.75 -34.64
N VAL A 49 5.35 -5.00 -33.89
CA VAL A 49 5.20 -5.18 -32.45
C VAL A 49 4.36 -6.42 -32.07
N THR A 50 3.61 -6.94 -33.05
CA THR A 50 2.79 -8.12 -32.91
C THR A 50 3.58 -9.46 -33.04
N ASP A 51 4.83 -9.39 -33.53
CA ASP A 51 5.59 -10.61 -33.88
C ASP A 51 6.36 -11.21 -32.68
N VAL A 52 6.46 -12.56 -32.65
CA VAL A 52 7.16 -13.29 -31.57
C VAL A 52 8.68 -13.01 -31.48
N GLU A 53 9.25 -12.51 -32.59
CA GLU A 53 10.66 -12.18 -32.70
C GLU A 53 10.95 -10.68 -32.64
N PHE A 54 9.92 -9.86 -32.32
CA PHE A 54 10.12 -8.43 -32.05
C PHE A 54 11.28 -8.19 -31.05
N ASP A 55 12.16 -7.26 -31.42
CA ASP A 55 13.38 -7.02 -30.63
C ASP A 55 13.27 -5.64 -29.94
N LEU A 56 12.89 -5.68 -28.65
CA LEU A 56 12.72 -4.46 -27.86
C LEU A 56 14.05 -3.71 -27.72
N PHE A 57 15.15 -4.44 -27.55
CA PHE A 57 16.50 -3.87 -27.43
C PHE A 57 16.90 -3.03 -28.68
N ARG A 58 16.62 -3.55 -29.88
CA ARG A 58 16.86 -2.80 -31.14
C ARG A 58 15.91 -1.58 -31.27
N ALA A 59 14.69 -1.70 -30.74
CA ALA A 59 13.74 -0.57 -30.69
C ALA A 59 14.28 0.57 -29.83
N ARG A 60 14.82 0.22 -28.66
CA ARG A 60 15.41 1.20 -27.74
C ARG A 60 16.58 1.99 -28.34
N GLU A 61 17.58 1.27 -28.85
CA GLU A 61 18.83 1.87 -29.37
C GLU A 61 18.67 2.65 -30.72
N SER A 62 17.57 2.44 -31.43
CA SER A 62 17.27 3.17 -32.67
C SER A 62 16.68 4.61 -32.48
N THR A 63 16.69 5.12 -31.25
CA THR A 63 16.16 6.44 -30.91
C THR A 63 16.98 6.95 -29.72
N ASP A 64 17.01 8.27 -29.56
CA ASP A 64 17.54 8.91 -28.35
C ASP A 64 16.44 9.08 -27.25
N LYS A 65 15.19 8.72 -27.58
CA LYS A 65 14.05 8.77 -26.68
C LYS A 65 13.48 7.35 -26.44
N PRO A 66 14.29 6.44 -25.90
CA PRO A 66 13.83 5.04 -25.80
C PRO A 66 12.58 4.86 -24.89
N LEU A 67 12.48 5.67 -23.83
CA LEU A 67 11.29 5.69 -22.96
C LEU A 67 10.01 6.13 -23.66
N ASP A 68 10.11 7.04 -24.63
CA ASP A 68 8.94 7.38 -25.44
C ASP A 68 8.62 6.28 -26.42
N VAL A 69 9.64 5.65 -26.99
CA VAL A 69 9.40 4.53 -27.91
C VAL A 69 8.71 3.35 -27.17
N ALA A 70 9.22 3.04 -26.00
CA ALA A 70 8.62 2.01 -25.17
C ALA A 70 7.13 2.31 -24.91
N ALA A 71 6.82 3.55 -24.52
CA ALA A 71 5.45 3.96 -24.30
C ALA A 71 4.57 3.84 -25.55
N ALA A 72 5.15 4.20 -26.69
CA ALA A 72 4.40 4.13 -27.95
C ALA A 72 4.13 2.69 -28.34
N ILE A 73 5.05 1.77 -28.05
CA ILE A 73 4.83 0.37 -28.33
C ILE A 73 3.59 -0.14 -27.54
N ALA A 74 3.52 0.15 -26.25
CA ALA A 74 2.38 -0.22 -25.43
C ALA A 74 1.07 0.39 -25.93
N TYR A 75 1.15 1.67 -26.25
CA TYR A 75 0.00 2.43 -26.76
C TYR A 75 -0.55 1.82 -28.04
N ARG A 76 0.35 1.59 -29.01
CA ARG A 76 -0.05 0.97 -30.30
C ARG A 76 -0.53 -0.47 -30.15
N LEU A 77 0.12 -1.28 -29.32
CA LEU A 77 -0.38 -2.63 -29.06
C LEU A 77 -1.79 -2.56 -28.57
N LEU A 78 -1.99 -1.74 -27.53
CA LEU A 78 -3.30 -1.69 -26.87
C LEU A 78 -4.34 -1.17 -27.83
N LEU A 79 -4.10 -0.02 -28.47
CA LEU A 79 -5.12 0.53 -29.41
C LEU A 79 -5.35 -0.40 -30.60
N GLY A 80 -4.26 -0.97 -31.13
CA GLY A 80 -4.32 -1.86 -32.26
C GLY A 80 -5.17 -3.07 -31.98
N SER A 81 -5.24 -3.50 -30.73
CA SER A 81 -6.00 -4.68 -30.38
C SER A 81 -7.50 -4.49 -30.51
N GLY A 82 -7.99 -3.26 -30.52
CA GLY A 82 -9.43 -3.04 -30.46
C GLY A 82 -10.06 -3.17 -29.05
N LEU A 83 -9.28 -3.60 -28.05
CA LEU A 83 -9.85 -3.87 -26.74
C LEU A 83 -10.24 -2.60 -25.93
N PRO A 84 -9.38 -1.57 -25.88
CA PRO A 84 -9.82 -0.36 -25.12
C PRO A 84 -11.10 0.29 -25.63
N GLN A 85 -11.30 0.31 -26.93
CA GLN A 85 -12.47 0.89 -27.58
C GLN A 85 -13.68 0.07 -27.21
N LYS A 86 -13.58 -1.26 -27.19
CA LYS A 86 -14.72 -2.09 -26.74
C LYS A 86 -15.16 -1.80 -25.31
N PHE A 87 -14.22 -1.41 -24.45
CA PHE A 87 -14.51 -1.25 -23.04
C PHE A 87 -14.57 0.19 -22.58
N GLY A 88 -14.80 1.09 -23.53
CA GLY A 88 -15.09 2.47 -23.22
C GLY A 88 -13.88 3.23 -22.71
N CYS A 89 -12.67 2.76 -23.03
CA CYS A 89 -11.46 3.48 -22.64
C CYS A 89 -11.01 4.33 -23.82
N SER A 90 -11.07 5.63 -23.66
CA SER A 90 -10.63 6.54 -24.70
C SER A 90 -9.10 6.47 -24.91
N ASP A 91 -8.67 6.93 -26.09
CA ASP A 91 -7.25 7.04 -26.45
C ASP A 91 -6.50 7.83 -25.39
N GLU A 92 -7.08 8.93 -24.98
CA GLU A 92 -6.40 9.82 -24.05
C GLU A 92 -6.23 9.17 -22.68
N VAL A 93 -7.26 8.47 -22.21
CA VAL A 93 -7.20 7.81 -20.90
C VAL A 93 -6.14 6.70 -20.94
N LEU A 94 -6.11 5.94 -22.03
CA LEU A 94 -5.07 4.91 -22.20
C LEU A 94 -3.68 5.47 -22.12
N LEU A 95 -3.45 6.55 -22.86
CA LEU A 95 -2.13 7.12 -22.92
C LEU A 95 -1.76 7.70 -21.60
N ASN A 96 -2.71 8.31 -20.89
CA ASN A 96 -2.43 8.84 -19.55
C ASN A 96 -2.02 7.71 -18.60
N PHE A 97 -2.77 6.60 -18.66
CA PHE A 97 -2.49 5.42 -17.87
C PHE A 97 -1.07 4.92 -18.10
N ILE A 98 -0.67 4.78 -19.38
CA ILE A 98 0.65 4.26 -19.72
C ILE A 98 1.73 5.16 -19.16
N LEU A 99 1.50 6.47 -19.24
CA LEU A 99 2.47 7.46 -18.73
C LEU A 99 2.55 7.55 -17.22
N GLN A 100 1.43 7.31 -16.54
CA GLN A 100 1.45 7.22 -15.06
C GLN A 100 2.16 5.96 -14.62
N CYS A 101 2.00 4.85 -15.36
CA CYS A 101 2.80 3.63 -15.06
C CYS A 101 4.29 3.96 -15.27
N ARG A 102 4.61 4.54 -16.42
CA ARG A 102 6.01 4.84 -16.73
C ARG A 102 6.69 5.65 -15.65
N LYS A 103 6.04 6.73 -15.18
CA LYS A 103 6.59 7.55 -14.04
C LYS A 103 6.98 6.74 -12.79
N LYS A 104 6.29 5.64 -12.52
CA LYS A 104 6.56 4.85 -11.32
C LYS A 104 7.54 3.73 -11.52
N TYR A 105 8.10 3.54 -12.71
CA TYR A 105 9.23 2.58 -12.86
C TYR A 105 10.53 3.32 -12.63
N ARG A 106 11.51 2.63 -12.09
CA ARG A 106 12.79 3.21 -11.71
C ARG A 106 13.89 2.87 -12.70
N ASN A 107 15.02 3.54 -12.52
CA ASN A 107 16.22 3.35 -13.32
C ASN A 107 17.05 2.23 -12.75
N VAL A 108 16.58 1.00 -12.96
CA VAL A 108 17.22 -0.24 -12.48
C VAL A 108 17.53 -1.07 -13.71
N PRO A 109 18.51 -1.99 -13.61
CA PRO A 109 18.93 -2.73 -14.83
C PRO A 109 17.89 -3.58 -15.52
N TYR A 110 17.01 -4.21 -14.73
CA TYR A 110 16.02 -5.16 -15.28
C TYR A 110 14.53 -4.78 -15.07
N HIS A 111 14.12 -4.67 -13.80
CA HIS A 111 12.70 -4.47 -13.42
C HIS A 111 12.28 -3.00 -13.63
N ASN A 112 12.33 -2.59 -14.89
CA ASN A 112 12.11 -1.22 -15.31
C ASN A 112 10.97 -1.20 -16.31
N PHE A 113 10.71 -0.03 -16.87
CA PHE A 113 9.60 0.12 -17.82
C PHE A 113 9.73 -0.78 -19.08
N TYR A 114 10.96 -1.08 -19.48
CA TYR A 114 11.19 -1.90 -20.66
C TYR A 114 10.73 -3.32 -20.38
N HIS A 115 10.96 -3.77 -19.18
CA HIS A 115 10.55 -5.12 -18.81
C HIS A 115 9.05 -5.29 -18.92
N VAL A 116 8.29 -4.30 -18.45
CA VAL A 116 6.85 -4.46 -18.40
C VAL A 116 6.26 -4.27 -19.74
N VAL A 117 6.91 -3.46 -20.58
CA VAL A 117 6.44 -3.30 -21.95
C VAL A 117 6.72 -4.60 -22.67
N ASP A 118 7.88 -5.19 -22.42
CA ASP A 118 8.21 -6.51 -22.96
C ASP A 118 7.17 -7.56 -22.54
N VAL A 119 6.78 -7.56 -21.27
CA VAL A 119 5.79 -8.56 -20.79
C VAL A 119 4.44 -8.36 -21.47
N CYS A 120 4.03 -7.11 -21.60
CA CYS A 120 2.81 -6.76 -22.33
C CYS A 120 2.84 -7.28 -23.77
N GLN A 121 3.93 -6.98 -24.48
CA GLN A 121 4.10 -7.43 -25.87
C GLN A 121 4.10 -8.95 -25.95
N THR A 122 4.80 -9.60 -25.04
CA THR A 122 4.93 -11.03 -25.08
C THR A 122 3.56 -11.70 -24.84
N ILE A 123 2.82 -11.19 -23.86
CA ILE A 123 1.47 -11.68 -23.58
C ILE A 123 0.56 -11.48 -24.78
N HIS A 124 0.68 -10.32 -25.41
CA HIS A 124 -0.04 -10.12 -26.66
C HIS A 124 0.28 -11.29 -27.64
N THR A 125 1.56 -11.65 -27.80
CA THR A 125 1.84 -12.72 -28.76
C THR A 125 1.28 -14.06 -28.27
N PHE A 126 1.35 -14.33 -26.97
CA PHE A 126 0.73 -15.55 -26.45
C PHE A 126 -0.76 -15.61 -26.73
N LEU A 127 -1.45 -14.49 -26.56
CA LEU A 127 -2.89 -14.49 -26.79
C LEU A 127 -3.25 -14.66 -28.26
N TYR A 128 -2.56 -13.94 -29.12
CA TYR A 128 -2.98 -13.76 -30.53
C TYR A 128 -2.19 -14.57 -31.58
N ARG A 129 -0.92 -14.92 -31.31
CA ARG A 129 -0.17 -15.93 -32.11
C ARG A 129 -0.30 -17.29 -31.50
N GLY A 130 -0.32 -17.38 -30.18
CA GLY A 130 -0.49 -18.67 -29.51
C GLY A 130 -1.94 -19.06 -29.32
N ASN A 131 -2.84 -18.18 -29.71
CA ASN A 131 -4.29 -18.42 -29.68
C ASN A 131 -4.88 -18.67 -28.31
N VAL A 132 -4.24 -18.11 -27.27
CA VAL A 132 -4.77 -18.24 -25.94
C VAL A 132 -6.04 -17.37 -25.79
N TYR A 133 -6.30 -16.42 -26.71
CA TYR A 133 -7.57 -15.67 -26.71
C TYR A 133 -8.78 -16.64 -26.74
N GLU A 134 -8.57 -17.84 -27.28
CA GLU A 134 -9.63 -18.85 -27.32
C GLU A 134 -10.08 -19.29 -25.94
N LYS A 135 -9.24 -19.16 -24.93
CA LYS A 135 -9.58 -19.62 -23.59
C LYS A 135 -10.10 -18.50 -22.68
N LEU A 136 -10.02 -17.26 -23.15
CA LEU A 136 -10.37 -16.11 -22.33
C LEU A 136 -11.35 -15.17 -23.05
N THR A 137 -12.12 -14.45 -22.26
CA THR A 137 -12.99 -13.42 -22.86
C THR A 137 -12.12 -12.22 -23.31
N GLU A 138 -12.73 -11.29 -24.01
CA GLU A 138 -12.03 -10.13 -24.53
C GLU A 138 -11.68 -9.22 -23.36
N LEU A 139 -12.59 -9.16 -22.38
CA LEU A 139 -12.36 -8.38 -21.19
C LEU A 139 -11.13 -8.88 -20.42
N GLU A 140 -11.01 -10.20 -20.28
CA GLU A 140 -9.86 -10.79 -19.64
C GLU A 140 -8.56 -10.51 -20.41
N CYS A 141 -8.60 -10.57 -21.75
CA CYS A 141 -7.45 -10.19 -22.55
C CYS A 141 -7.05 -8.73 -22.32
N PHE A 142 -8.01 -7.82 -22.24
CA PHE A 142 -7.73 -6.38 -22.00
C PHE A 142 -7.12 -6.23 -20.63
N VAL A 143 -7.71 -6.91 -19.64
CA VAL A 143 -7.17 -6.84 -18.28
C VAL A 143 -5.72 -7.35 -18.23
N LEU A 144 -5.44 -8.48 -18.87
CA LEU A 144 -4.07 -8.99 -18.89
C LEU A 144 -3.08 -8.02 -19.52
N LEU A 145 -3.41 -7.45 -20.65
CA LEU A 145 -2.50 -6.53 -21.29
C LEU A 145 -2.21 -5.31 -20.40
N ILE A 146 -3.22 -4.80 -19.70
CA ILE A 146 -3.12 -3.68 -18.76
C ILE A 146 -2.30 -4.08 -17.52
N THR A 147 -2.62 -5.25 -16.99
CA THR A 147 -1.91 -5.77 -15.84
C THR A 147 -0.42 -5.94 -16.06
N ALA A 148 -0.01 -6.36 -17.25
CA ALA A 148 1.39 -6.40 -17.57
C ALA A 148 2.11 -5.09 -17.24
N LEU A 149 1.46 -3.97 -17.51
CA LEU A 149 2.11 -2.67 -17.34
C LEU A 149 2.21 -2.20 -15.89
N VAL A 150 1.37 -2.75 -15.00
CA VAL A 150 1.38 -2.39 -13.58
C VAL A 150 2.09 -3.39 -12.73
N HIS A 151 2.53 -4.53 -13.28
CA HIS A 151 2.83 -5.70 -12.45
C HIS A 151 4.10 -5.59 -11.63
N ASP A 152 4.98 -4.64 -11.93
CA ASP A 152 6.21 -4.41 -11.16
C ASP A 152 6.39 -2.94 -10.74
N LEU A 153 5.27 -2.20 -10.60
CA LEU A 153 5.36 -0.77 -10.35
C LEU A 153 6.28 -0.48 -9.19
N ASP A 154 7.23 0.45 -9.38
CA ASP A 154 8.14 0.92 -8.33
C ASP A 154 9.09 -0.16 -7.79
N HIS A 155 9.39 -1.16 -8.62
CA HIS A 155 10.40 -2.16 -8.28
C HIS A 155 11.74 -1.43 -8.12
N MET A 156 12.53 -1.85 -7.14
CA MET A 156 13.81 -1.22 -6.79
C MET A 156 15.00 -2.12 -7.04
N GLY A 157 14.82 -3.18 -7.82
CA GLY A 157 15.86 -4.15 -8.06
C GLY A 157 16.19 -5.07 -6.90
N LEU A 158 15.29 -5.21 -5.94
CA LEU A 158 15.55 -6.03 -4.76
C LEU A 158 14.38 -6.95 -4.61
N ASN A 159 14.62 -8.21 -4.26
CA ASN A 159 13.55 -9.17 -4.22
C ASN A 159 12.92 -9.22 -2.82
N ASN A 160 11.89 -10.06 -2.67
CA ASN A 160 11.16 -10.18 -1.43
C ASN A 160 12.07 -10.60 -0.28
N SER A 161 12.98 -11.51 -0.55
CA SER A 161 13.92 -11.98 0.49
C SER A 161 14.73 -10.85 1.09
N PHE A 162 15.20 -9.93 0.26
CA PHE A 162 15.97 -8.83 0.79
C PHE A 162 15.18 -8.15 1.90
N TYR A 163 13.91 -7.79 1.63
CA TYR A 163 13.11 -7.03 2.57
C TYR A 163 12.83 -7.79 3.86
N LEU A 164 12.57 -9.10 3.74
CA LEU A 164 12.26 -9.89 4.91
C LEU A 164 13.54 -10.11 5.75
N LYS A 165 14.66 -10.41 5.11
CA LYS A 165 15.90 -10.72 5.83
C LYS A 165 16.54 -9.52 6.49
N THR A 166 16.38 -8.31 5.93
CA THR A 166 16.95 -7.09 6.50
C THR A 166 16.03 -6.39 7.50
N GLU A 167 14.86 -6.96 7.78
CA GLU A 167 13.83 -6.27 8.56
C GLU A 167 13.65 -4.79 8.18
N SER A 168 13.64 -4.53 6.87
CA SER A 168 13.37 -3.19 6.36
C SER A 168 11.90 -2.82 6.66
N PRO A 169 11.57 -1.52 6.62
CA PRO A 169 10.20 -1.12 6.88
C PRO A 169 9.12 -1.92 6.12
N LEU A 170 9.28 -2.10 4.82
CA LEU A 170 8.33 -2.92 4.03
C LEU A 170 8.26 -4.39 4.48
N GLY A 171 9.39 -4.94 4.90
CA GLY A 171 9.42 -6.33 5.38
C GLY A 171 8.61 -6.49 6.65
N ILE A 172 8.80 -5.53 7.55
CA ILE A 172 8.05 -5.48 8.83
C ILE A 172 6.54 -5.30 8.58
N LEU A 173 6.20 -4.39 7.68
CA LEU A 173 4.82 -4.23 7.30
C LEU A 173 4.15 -5.50 6.78
N SER A 174 4.81 -6.24 5.92
CA SER A 174 4.29 -7.48 5.37
C SER A 174 4.06 -8.51 6.42
N SER A 175 5.07 -8.66 7.26
CA SER A 175 5.05 -9.63 8.33
C SER A 175 3.89 -9.34 9.28
N ALA A 176 3.79 -8.09 9.73
CA ALA A 176 2.71 -7.68 10.65
C ALA A 176 1.34 -7.80 10.00
N SER A 177 1.21 -7.52 8.72
CA SER A 177 -0.08 -7.61 8.02
C SER A 177 -0.38 -8.93 7.27
N GLY A 178 0.38 -10.00 7.53
CA GLY A 178 0.04 -11.34 7.01
C GLY A 178 0.80 -11.90 5.81
N ASN A 179 0.84 -11.14 4.71
CA ASN A 179 1.28 -11.64 3.38
C ASN A 179 2.78 -11.45 3.14
N THR A 180 3.46 -12.55 2.83
CA THR A 180 4.94 -12.52 2.56
C THR A 180 5.41 -12.03 1.17
N SER A 181 4.45 -11.79 0.26
CA SER A 181 4.70 -11.24 -1.09
C SER A 181 4.82 -9.73 -1.02
N VAL A 182 5.91 -9.27 -0.44
CA VAL A 182 6.12 -7.86 -0.10
C VAL A 182 5.95 -6.95 -1.32
N LEU A 183 6.69 -7.25 -2.38
CA LEU A 183 6.66 -6.41 -3.57
C LEU A 183 5.35 -6.45 -4.35
N GLU A 184 4.78 -7.65 -4.48
CA GLU A 184 3.58 -7.83 -5.31
C GLU A 184 2.43 -7.02 -4.71
N VAL A 185 2.31 -7.03 -3.39
CA VAL A 185 1.29 -6.22 -2.69
C VAL A 185 1.58 -4.76 -2.97
N HIS A 186 2.86 -4.35 -2.88
CA HIS A 186 3.23 -2.98 -3.16
C HIS A 186 2.82 -2.59 -4.58
N HIS A 187 3.10 -3.45 -5.58
CA HIS A 187 2.72 -3.13 -6.96
C HIS A 187 1.19 -2.94 -7.11
N CYS A 188 0.41 -3.88 -6.53
CA CYS A 188 -1.05 -3.79 -6.58
C CYS A 188 -1.57 -2.46 -6.01
N ASN A 189 -1.02 -2.06 -4.85
CA ASN A 189 -1.34 -0.77 -4.24
C ASN A 189 -1.16 0.40 -5.18
N LEU A 190 0.00 0.45 -5.86
CA LEU A 190 0.25 1.55 -6.78
C LEU A 190 -0.66 1.45 -8.01
N ALA A 191 -0.98 0.23 -8.41
CA ALA A 191 -1.86 0.09 -9.56
C ALA A 191 -3.22 0.68 -9.20
N VAL A 192 -3.71 0.35 -8.01
CA VAL A 192 -5.00 0.83 -7.56
C VAL A 192 -5.02 2.35 -7.46
N GLU A 193 -3.95 2.93 -6.96
CA GLU A 193 -3.80 4.38 -6.89
C GLU A 193 -3.88 5.02 -8.27
N ILE A 194 -3.18 4.46 -9.25
CA ILE A 194 -3.25 5.00 -10.62
C ILE A 194 -4.69 4.93 -11.18
N LEU A 195 -5.34 3.80 -10.94
CA LEU A 195 -6.68 3.59 -11.48
C LEU A 195 -7.79 4.34 -10.72
N SER A 196 -7.49 4.87 -9.54
CA SER A 196 -8.50 5.64 -8.77
C SER A 196 -8.74 7.02 -9.37
N ASP A 197 -7.80 7.55 -10.16
CA ASP A 197 -8.02 8.78 -10.92
C ASP A 197 -8.73 8.50 -12.27
N PRO A 198 -9.92 9.09 -12.52
CA PRO A 198 -10.66 8.78 -13.79
C PRO A 198 -9.95 9.12 -15.07
N GLU A 199 -9.05 10.08 -15.04
CA GLU A 199 -8.25 10.46 -16.22
C GLU A 199 -7.18 9.41 -16.63
N SER A 200 -6.88 8.45 -15.74
CA SER A 200 -6.00 7.33 -16.06
C SER A 200 -6.64 5.96 -15.73
N ASP A 201 -7.95 5.93 -15.52
CA ASP A 201 -8.64 4.68 -15.19
C ASP A 201 -9.11 4.00 -16.48
N VAL A 202 -8.31 3.06 -16.96
CA VAL A 202 -8.67 2.32 -18.17
C VAL A 202 -9.87 1.41 -17.97
N PHE A 203 -10.27 1.16 -16.74
CA PHE A 203 -11.50 0.41 -16.43
C PHE A 203 -12.80 1.26 -16.15
N ASP A 204 -12.74 2.57 -16.40
CA ASP A 204 -13.83 3.51 -16.07
C ASP A 204 -15.10 3.24 -16.88
N GLY A 205 -14.95 2.76 -18.10
CA GLY A 205 -16.08 2.35 -18.92
C GLY A 205 -16.76 1.05 -18.53
N LEU A 206 -16.28 0.36 -17.52
CA LEU A 206 -16.92 -0.88 -17.00
C LEU A 206 -17.79 -0.53 -15.81
N GLU A 207 -18.79 -1.35 -15.53
CA GLU A 207 -19.54 -1.21 -14.26
C GLU A 207 -19.87 -2.55 -13.69
N GLY A 208 -20.29 -2.54 -12.44
CA GLY A 208 -20.85 -3.71 -11.80
C GLY A 208 -19.88 -4.84 -11.76
N ALA A 209 -20.35 -6.03 -12.13
CA ALA A 209 -19.56 -7.24 -12.05
C ALA A 209 -18.34 -7.19 -12.97
N GLU A 210 -18.42 -6.49 -14.09
CA GLU A 210 -17.28 -6.38 -14.99
C GLU A 210 -16.14 -5.53 -14.40
N ARG A 211 -16.49 -4.42 -13.78
CA ARG A 211 -15.50 -3.62 -13.11
C ARG A 211 -14.86 -4.38 -11.92
N THR A 212 -15.67 -5.13 -11.17
CA THR A 212 -15.13 -5.95 -10.08
C THR A 212 -14.18 -7.04 -10.57
N LEU A 213 -14.56 -7.72 -11.65
CA LEU A 213 -13.73 -8.75 -12.25
C LEU A 213 -12.40 -8.14 -12.71
N ALA A 214 -12.43 -6.96 -13.32
CA ALA A 214 -11.20 -6.32 -13.75
C ALA A 214 -10.21 -6.14 -12.62
N PHE A 215 -10.67 -5.57 -11.50
CA PHE A 215 -9.79 -5.32 -10.37
C PHE A 215 -9.37 -6.59 -9.67
N ARG A 216 -10.31 -7.48 -9.43
N ARG A 216 -10.31 -7.48 -9.43
CA ARG A 216 -9.97 -8.70 -8.75
CA ARG A 216 -9.98 -8.71 -8.75
C ARG A 216 -8.98 -9.56 -9.57
C ARG A 216 -8.98 -9.56 -9.57
N SER A 217 -9.17 -9.62 -10.88
CA SER A 217 -8.31 -10.44 -11.73
C SER A 217 -6.91 -9.79 -11.86
N MET A 218 -6.87 -8.47 -12.02
CA MET A 218 -5.58 -7.76 -12.03
C MET A 218 -4.75 -8.06 -10.81
N ILE A 219 -5.38 -7.95 -9.65
CA ILE A 219 -4.71 -8.13 -8.36
C ILE A 219 -4.23 -9.59 -8.18
N ASP A 220 -5.10 -10.55 -8.46
CA ASP A 220 -4.74 -11.96 -8.43
C ASP A 220 -3.56 -12.30 -9.36
N CYS A 221 -3.53 -11.69 -10.55
CA CYS A 221 -2.46 -11.94 -11.50
C CYS A 221 -1.16 -11.41 -10.94
N VAL A 222 -1.19 -10.21 -10.41
CA VAL A 222 0.03 -9.61 -9.90
C VAL A 222 0.52 -10.36 -8.68
N LEU A 223 -0.39 -10.73 -7.79
CA LEU A 223 0.03 -11.50 -6.62
C LEU A 223 0.62 -12.84 -7.03
N ALA A 224 0.10 -13.43 -8.15
CA ALA A 224 0.59 -14.70 -8.63
C ALA A 224 2.00 -14.63 -9.24
N THR A 225 2.55 -13.44 -9.48
CA THR A 225 3.91 -13.36 -9.98
C THR A 225 5.03 -13.63 -8.96
N ASP A 226 4.69 -13.76 -7.67
CA ASP A 226 5.69 -14.05 -6.61
C ASP A 226 6.19 -15.48 -6.82
N MET A 227 7.47 -15.62 -7.09
CA MET A 227 8.04 -16.91 -7.39
C MET A 227 7.99 -17.94 -6.27
N ALA A 228 7.81 -17.49 -5.02
CA ALA A 228 7.55 -18.40 -3.91
C ALA A 228 6.24 -19.19 -4.12
N LYS A 229 5.31 -18.65 -4.93
CA LYS A 229 4.03 -19.31 -5.16
C LYS A 229 4.02 -20.11 -6.47
N HIS A 230 5.16 -20.18 -7.15
CA HIS A 230 5.25 -20.75 -8.51
C HIS A 230 4.65 -22.16 -8.66
N GLY A 231 5.14 -23.10 -7.85
CA GLY A 231 4.65 -24.48 -7.89
C GLY A 231 3.18 -24.58 -7.59
N SER A 232 2.71 -23.85 -6.58
CA SER A 232 1.29 -23.86 -6.21
C SER A 232 0.41 -23.33 -7.32
N ALA A 233 0.83 -22.23 -7.92
CA ALA A 233 0.09 -21.68 -9.04
C ALA A 233 0.00 -22.65 -10.23
N LEU A 234 1.13 -23.25 -10.56
CA LEU A 234 1.18 -24.24 -11.62
C LEU A 234 0.32 -25.46 -11.32
N GLU A 235 0.45 -26.05 -10.13
CA GLU A 235 -0.40 -27.19 -9.76
C GLU A 235 -1.86 -26.84 -9.88
N ALA A 236 -2.24 -25.67 -9.34
CA ALA A 236 -3.66 -25.25 -9.36
C ALA A 236 -4.15 -25.10 -10.78
N PHE A 237 -3.34 -24.48 -11.65
CA PHE A 237 -3.73 -24.39 -13.06
C PHE A 237 -3.91 -25.76 -13.73
N LEU A 238 -2.96 -26.66 -13.49
CA LEU A 238 -3.01 -28.00 -14.10
C LEU A 238 -4.21 -28.82 -13.60
N ALA A 239 -4.51 -28.71 -12.31
CA ALA A 239 -5.63 -29.44 -11.72
C ALA A 239 -6.92 -28.92 -12.30
N SER A 240 -7.03 -27.61 -12.41
CA SER A 240 -8.19 -26.95 -12.99
C SER A 240 -8.38 -27.22 -14.47
N ALA A 241 -7.27 -27.42 -15.20
CA ALA A 241 -7.33 -27.77 -16.64
C ALA A 241 -7.75 -29.22 -16.87
N ALA A 242 -7.40 -30.11 -15.94
CA ALA A 242 -7.70 -31.54 -16.09
C ALA A 242 -9.15 -31.83 -15.78
N ASP A 243 -9.75 -30.96 -14.99
CA ASP A 243 -11.13 -31.02 -14.54
C ASP A 243 -12.14 -30.29 -15.45
N GLN A 244 -12.88 -31.07 -16.25
CA GLN A 244 -13.95 -30.59 -17.14
C GLN A 244 -15.09 -29.85 -16.47
N SER A 245 -15.34 -30.12 -15.19
CA SER A 245 -16.32 -29.38 -14.37
C SER A 245 -15.63 -28.30 -13.53
N SER A 246 -14.45 -27.83 -13.92
CA SER A 246 -13.84 -26.73 -13.22
C SER A 246 -14.84 -25.57 -13.20
N ASP A 247 -14.78 -24.83 -12.10
CA ASP A 247 -15.49 -23.56 -11.96
C ASP A 247 -14.96 -22.71 -13.10
N GLU A 248 -15.78 -22.33 -14.08
CA GLU A 248 -15.31 -21.60 -15.26
C GLU A 248 -14.60 -20.32 -14.89
N ALA A 249 -15.19 -19.51 -14.03
CA ALA A 249 -14.53 -18.30 -13.56
C ALA A 249 -13.12 -18.51 -12.98
N ALA A 250 -12.96 -19.56 -12.22
CA ALA A 250 -11.70 -19.88 -11.56
C ALA A 250 -10.69 -20.43 -12.60
N PHE A 251 -11.13 -21.26 -13.55
CA PHE A 251 -10.26 -21.68 -14.65
C PHE A 251 -9.76 -20.48 -15.49
N HIS A 252 -10.67 -19.57 -15.82
CA HIS A 252 -10.33 -18.36 -16.57
C HIS A 252 -9.32 -17.53 -15.82
N ARG A 253 -9.55 -17.37 -14.54
CA ARG A 253 -8.67 -16.64 -13.64
C ARG A 253 -7.26 -17.27 -13.59
N MET A 254 -7.23 -18.58 -13.39
CA MET A 254 -6.01 -19.36 -13.36
C MET A 254 -5.20 -19.22 -14.64
N THR A 255 -5.92 -19.24 -15.75
CA THR A 255 -5.35 -19.04 -17.03
C THR A 255 -4.67 -17.63 -17.14
N MET A 256 -5.35 -16.62 -16.60
CA MET A 256 -4.81 -15.27 -16.57
C MET A 256 -3.55 -15.25 -15.74
N GLU A 257 -3.58 -15.86 -14.59
CA GLU A 257 -2.40 -15.88 -13.70
C GLU A 257 -1.22 -16.55 -14.38
N ILE A 258 -1.48 -17.70 -15.02
CA ILE A 258 -0.47 -18.43 -15.71
C ILE A 258 0.12 -17.69 -16.92
N ILE A 259 -0.72 -16.98 -17.67
CA ILE A 259 -0.25 -16.20 -18.79
C ILE A 259 0.61 -15.02 -18.30
N LEU A 260 0.23 -14.34 -17.22
CA LEU A 260 1.09 -13.28 -16.70
C LEU A 260 2.38 -13.88 -16.19
N LYS A 261 2.30 -14.99 -15.46
CA LYS A 261 3.50 -15.72 -15.06
C LYS A 261 4.39 -16.08 -16.25
N ALA A 262 3.79 -16.63 -17.30
CA ALA A 262 4.53 -17.00 -18.52
C ALA A 262 5.26 -15.80 -19.15
N GLY A 263 4.56 -14.67 -19.28
CA GLY A 263 5.16 -13.46 -19.79
C GLY A 263 6.34 -12.99 -18.95
N ASP A 264 6.20 -13.11 -17.65
CA ASP A 264 7.18 -12.67 -16.69
C ASP A 264 8.50 -13.47 -16.75
N ILE A 265 8.43 -14.76 -17.07
CA ILE A 265 9.62 -15.59 -17.25
C ILE A 265 9.85 -15.97 -18.71
N SER A 266 9.40 -15.12 -19.64
CA SER A 266 9.39 -15.43 -21.05
C SER A 266 10.69 -15.10 -21.73
N ASN A 267 11.67 -14.52 -21.01
CA ASN A 267 12.95 -14.20 -21.60
C ASN A 267 13.62 -15.43 -22.26
N VAL A 268 13.51 -16.60 -21.66
CA VAL A 268 14.09 -17.80 -22.20
C VAL A 268 13.35 -18.32 -23.44
N THR A 269 12.21 -17.72 -23.81
CA THR A 269 11.46 -18.15 -25.02
C THR A 269 11.74 -17.29 -26.22
N LYS A 270 12.70 -16.37 -26.05
CA LYS A 270 13.02 -15.40 -27.07
C LYS A 270 14.27 -15.83 -27.88
N PRO A 271 14.43 -15.26 -29.10
CA PRO A 271 15.71 -15.46 -29.83
C PRO A 271 16.89 -15.26 -28.92
N PHE A 272 17.89 -16.12 -29.08
CA PHE A 272 18.94 -16.25 -28.09
C PHE A 272 19.59 -14.90 -27.69
N ASP A 273 19.86 -14.05 -28.66
CA ASP A 273 20.56 -12.83 -28.34
C ASP A 273 19.72 -11.93 -27.44
N ILE A 274 18.40 -11.90 -27.72
CA ILE A 274 17.48 -11.16 -26.87
C ILE A 274 17.42 -11.77 -25.45
N SER A 275 17.32 -13.09 -25.39
CA SER A 275 17.27 -13.82 -24.14
C SER A 275 18.51 -13.54 -23.29
N ARG A 276 19.66 -13.56 -23.93
CA ARG A 276 20.93 -13.30 -23.26
C ARG A 276 21.02 -11.89 -22.67
N GLN A 277 20.56 -10.89 -23.42
CA GLN A 277 20.55 -9.48 -22.91
C GLN A 277 19.70 -9.30 -21.68
N TRP A 278 18.52 -9.93 -21.64
CA TRP A 278 17.72 -9.89 -20.42
C TRP A 278 18.44 -10.61 -19.28
N ALA A 279 19.05 -11.75 -19.58
CA ALA A 279 19.76 -12.48 -18.53
C ALA A 279 20.96 -11.65 -17.95
N MET A 280 21.65 -10.89 -18.79
CA MET A 280 22.76 -10.02 -18.31
C MET A 280 22.22 -8.98 -17.37
N ALA A 281 21.09 -8.40 -17.75
CA ALA A 281 20.45 -7.33 -16.96
C ALA A 281 19.94 -7.81 -15.60
N VAL A 282 19.31 -8.99 -15.55
CA VAL A 282 18.81 -9.51 -14.30
C VAL A 282 19.98 -9.89 -13.39
N THR A 283 21.02 -10.43 -13.96
CA THR A 283 22.21 -10.81 -13.24
C THR A 283 22.85 -9.60 -12.55
N GLU A 284 22.92 -8.46 -13.25
CA GLU A 284 23.44 -7.23 -12.63
C GLU A 284 22.59 -6.84 -11.40
N GLU A 285 21.25 -6.95 -11.48
CA GLU A 285 20.38 -6.67 -10.30
C GLU A 285 20.69 -7.59 -9.17
N PHE A 286 20.86 -8.87 -9.44
CA PHE A 286 21.20 -9.80 -8.41
C PHE A 286 22.50 -9.39 -7.73
N TYR A 287 23.50 -8.97 -8.48
CA TYR A 287 24.77 -8.58 -7.89
C TYR A 287 24.67 -7.32 -7.02
N ARG A 288 23.89 -6.36 -7.47
CA ARG A 288 23.67 -5.14 -6.69
C ARG A 288 22.93 -5.41 -5.38
N GLN A 289 22.00 -6.38 -5.41
CA GLN A 289 21.32 -6.81 -4.18
C GLN A 289 22.31 -7.44 -3.25
N GLY A 290 23.18 -8.27 -3.80
CA GLY A 290 24.15 -8.99 -3.00
C GLY A 290 25.14 -8.04 -2.37
N ASP A 291 25.57 -6.99 -3.09
CA ASP A 291 26.43 -5.95 -2.51
C ASP A 291 25.75 -5.32 -1.31
N MET A 292 24.52 -4.85 -1.53
CA MET A 292 23.69 -4.30 -0.47
C MET A 292 23.46 -5.27 0.70
N GLU A 293 23.32 -6.55 0.43
CA GLU A 293 23.16 -7.54 1.48
C GLU A 293 24.45 -7.70 2.29
N LYS A 294 25.59 -7.75 1.60
CA LYS A 294 26.92 -7.88 2.25
C LYS A 294 27.19 -6.74 3.21
N GLU A 295 26.90 -5.52 2.75
CA GLU A 295 27.17 -4.33 3.54
C GLU A 295 26.13 -4.17 4.69
N ARG A 296 25.00 -4.87 4.65
CA ARG A 296 24.05 -4.91 5.79
C ARG A 296 24.28 -6.13 6.66
N GLY A 297 25.34 -6.87 6.42
CA GLY A 297 25.66 -8.04 7.24
C GLY A 297 24.66 -9.19 7.16
N VAL A 298 23.97 -9.35 6.03
CA VAL A 298 23.09 -10.50 5.86
C VAL A 298 23.61 -11.45 4.83
N GLU A 299 23.05 -12.66 4.90
CA GLU A 299 23.40 -13.80 4.05
C GLU A 299 23.14 -13.49 2.57
N VAL A 300 24.08 -13.93 1.73
CA VAL A 300 24.03 -13.71 0.31
C VAL A 300 24.07 -15.08 -0.34
N LEU A 301 23.04 -15.40 -1.12
CA LEU A 301 23.08 -16.62 -1.95
C LEU A 301 24.16 -16.44 -3.02
N PRO A 302 24.89 -17.52 -3.38
CA PRO A 302 26.05 -17.34 -4.27
C PRO A 302 25.72 -16.74 -5.66
N MET A 303 24.52 -17.03 -6.17
CA MET A 303 24.04 -16.42 -7.40
C MET A 303 24.00 -14.87 -7.35
N PHE A 304 23.90 -14.30 -6.13
CA PHE A 304 23.86 -12.84 -5.90
C PHE A 304 25.23 -12.24 -5.63
N ASP A 305 26.27 -13.10 -5.60
CA ASP A 305 27.60 -12.73 -5.12
C ASP A 305 28.60 -12.38 -6.23
N ARG A 306 28.75 -11.07 -6.45
CA ARG A 306 29.66 -10.52 -7.45
C ARG A 306 31.09 -11.12 -7.41
N SER A 307 31.59 -11.29 -6.20
CA SER A 307 32.95 -11.78 -5.95
C SER A 307 33.14 -13.29 -6.13
N LYS A 308 32.04 -14.05 -6.23
CA LYS A 308 32.06 -15.46 -6.53
C LYS A 308 31.44 -15.45 -7.92
N ASN A 309 32.25 -15.04 -8.89
CA ASN A 309 31.76 -14.73 -10.26
C ASN A 309 31.30 -16.06 -10.83
N MET A 310 30.09 -16.05 -11.41
CA MET A 310 29.37 -17.25 -11.80
C MET A 310 29.12 -17.13 -13.30
N GLU A 311 28.82 -18.26 -13.92
CA GLU A 311 28.67 -18.33 -15.37
C GLU A 311 27.17 -18.08 -15.69
N LEU A 312 26.92 -17.04 -16.46
CA LEU A 312 25.65 -16.79 -17.05
C LEU A 312 25.01 -18.05 -17.60
N ALA A 313 25.73 -18.89 -18.32
CA ALA A 313 25.18 -20.08 -18.91
C ALA A 313 24.65 -21.11 -17.90
N LYS A 314 25.36 -21.36 -16.81
CA LYS A 314 24.89 -22.35 -15.80
C LYS A 314 23.62 -21.89 -15.12
N GLY A 315 23.52 -20.60 -14.83
CA GLY A 315 22.32 -19.99 -14.29
C GLY A 315 21.09 -20.10 -15.20
N GLN A 316 21.30 -19.82 -16.49
CA GLN A 316 20.22 -19.97 -17.47
C GLN A 316 19.83 -21.39 -17.63
N ILE A 317 20.80 -22.28 -17.72
CA ILE A 317 20.49 -23.70 -17.91
C ILE A 317 19.73 -24.21 -16.67
N GLY A 318 20.15 -23.75 -15.49
CA GLY A 318 19.52 -24.11 -14.20
C GLY A 318 18.04 -23.68 -14.11
N PHE A 319 17.81 -22.41 -14.45
CA PHE A 319 16.48 -21.87 -14.55
C PHE A 319 15.59 -22.60 -15.55
N ILE A 320 16.16 -22.88 -16.72
CA ILE A 320 15.45 -23.61 -17.74
C ILE A 320 15.06 -24.98 -17.23
N ASP A 321 16.00 -25.72 -16.67
CA ASP A 321 15.74 -27.14 -16.31
C ASP A 321 14.80 -27.30 -15.15
N PHE A 322 14.93 -26.42 -14.17
CA PHE A 322 14.13 -26.53 -12.96
C PHE A 322 12.84 -25.71 -12.92
N VAL A 323 12.75 -24.63 -13.71
CA VAL A 323 11.57 -23.77 -13.69
C VAL A 323 10.89 -23.67 -15.05
N ALA A 324 11.56 -23.12 -16.04
CA ALA A 324 10.89 -22.72 -17.28
C ALA A 324 10.47 -23.87 -18.19
N ALA A 325 11.37 -24.81 -18.45
CA ALA A 325 11.04 -25.91 -19.39
C ALA A 325 9.84 -26.72 -18.91
N PRO A 326 9.82 -27.14 -17.62
CA PRO A 326 8.64 -27.89 -17.15
C PRO A 326 7.39 -27.05 -17.13
N PHE A 327 7.53 -25.77 -16.80
CA PHE A 327 6.40 -24.88 -16.75
C PHE A 327 5.76 -24.75 -18.11
N PHE A 328 6.55 -24.34 -19.09
CA PHE A 328 6.01 -24.17 -20.43
C PHE A 328 5.56 -25.49 -21.08
N GLN A 329 6.35 -26.57 -20.91
CA GLN A 329 5.93 -27.86 -21.47
C GLN A 329 4.61 -28.29 -20.83
N LYS A 330 4.47 -28.12 -19.52
CA LYS A 330 3.21 -28.54 -18.88
C LYS A 330 1.99 -27.74 -19.28
N ILE A 331 2.11 -26.42 -19.36
CA ILE A 331 0.94 -25.61 -19.68
C ILE A 331 0.57 -25.81 -21.13
N VAL A 332 1.56 -26.02 -21.98
CA VAL A 332 1.29 -26.38 -23.41
C VAL A 332 0.59 -27.75 -23.55
N ASP A 333 1.13 -28.78 -22.91
CA ASP A 333 0.51 -30.11 -22.93
C ASP A 333 -0.86 -30.10 -22.31
N ALA A 334 -1.05 -29.40 -21.19
CA ALA A 334 -2.35 -29.37 -20.47
C ALA A 334 -3.48 -28.72 -21.26
N CYS A 335 -3.19 -27.67 -22.03
CA CYS A 335 -4.25 -26.88 -22.66
C CYS A 335 -3.81 -25.78 -23.66
N LEU A 336 -2.56 -25.31 -23.61
CA LEU A 336 -2.15 -24.18 -24.44
C LEU A 336 -1.27 -24.62 -25.61
N GLN A 337 -1.86 -25.52 -26.43
CA GLN A 337 -1.19 -26.15 -27.60
C GLN A 337 -0.50 -25.16 -28.55
N GLY A 338 -1.14 -24.04 -28.73
CA GLY A 338 -0.70 -22.97 -29.59
C GLY A 338 0.54 -22.27 -29.13
N MET A 339 0.94 -22.51 -27.88
CA MET A 339 2.20 -21.91 -27.38
C MET A 339 3.39 -22.88 -27.50
N GLN A 340 3.28 -23.90 -28.37
CA GLN A 340 4.32 -24.88 -28.61
C GLN A 340 5.69 -24.24 -28.93
N TRP A 341 5.73 -23.17 -29.71
CA TRP A 341 6.99 -22.51 -30.03
C TRP A 341 7.85 -22.10 -28.82
N THR A 342 7.21 -21.86 -27.67
CA THR A 342 7.92 -21.50 -26.47
C THR A 342 8.82 -22.64 -26.00
N VAL A 343 8.29 -23.86 -26.02
CA VAL A 343 9.03 -25.06 -25.64
C VAL A 343 10.19 -25.30 -26.61
N ASP A 344 9.93 -25.11 -27.91
CA ASP A 344 10.96 -25.29 -28.95
C ASP A 344 12.08 -24.27 -28.78
N ARG A 345 11.70 -23.04 -28.53
CA ARG A 345 12.69 -22.02 -28.33
C ARG A 345 13.50 -22.20 -27.03
N ILE A 346 12.87 -22.67 -25.98
CA ILE A 346 13.58 -22.93 -24.73
C ILE A 346 14.64 -24.02 -24.98
N LYS A 347 14.20 -25.08 -25.66
CA LYS A 347 15.05 -26.21 -26.00
C LYS A 347 16.29 -25.73 -26.80
N SER A 348 16.10 -24.81 -27.74
CA SER A 348 17.23 -24.37 -28.54
C SER A 348 18.12 -23.34 -27.86
N ASN A 349 17.55 -22.50 -27.01
CA ASN A 349 18.36 -21.62 -26.17
C ASN A 349 19.19 -22.42 -25.17
N ARG A 350 18.60 -23.45 -24.61
CA ARG A 350 19.32 -24.27 -23.67
C ARG A 350 20.56 -24.90 -24.34
N ALA A 351 20.33 -25.52 -25.51
CA ALA A 351 21.43 -26.14 -26.29
C ALA A 351 22.50 -25.12 -26.59
N GLN A 352 22.10 -23.91 -26.93
CA GLN A 352 23.10 -22.86 -27.16
C GLN A 352 23.91 -22.56 -25.90
N TRP A 353 23.29 -22.46 -24.73
CA TRP A 353 24.01 -22.25 -23.47
C TRP A 353 24.91 -23.44 -23.18
N GLU A 354 24.44 -24.62 -23.49
CA GLU A 354 25.22 -25.81 -23.26
C GLU A 354 26.51 -25.79 -24.15
N ARG A 355 26.43 -25.25 -25.38
CA ARG A 355 27.60 -25.07 -26.23
C ARG A 355 28.51 -23.97 -25.76
N VAL A 356 27.98 -22.93 -25.14
CA VAL A 356 28.82 -21.91 -24.51
C VAL A 356 29.70 -22.59 -23.44
N LEU A 357 29.10 -23.48 -22.66
CA LEU A 357 29.84 -24.24 -21.66
C LEU A 357 30.83 -25.23 -22.26
N GLU A 358 30.39 -26.02 -23.23
CA GLU A 358 31.23 -27.08 -23.82
C GLU A 358 32.45 -26.56 -24.55
N THR A 359 32.43 -25.32 -25.01
CA THR A 359 33.57 -24.76 -25.74
C THR A 359 34.47 -23.88 -24.89
N ARG A 360 34.08 -23.65 -23.64
CA ARG A 360 34.90 -22.82 -22.74
C ARG A 360 36.24 -23.59 -22.48
N THR B 29 7.98 14.16 -3.22
CA THR B 29 7.93 15.63 -3.48
C THR B 29 8.38 16.34 -2.20
N ALA B 30 9.59 16.91 -2.27
CA ALA B 30 10.16 17.69 -1.17
C ALA B 30 9.23 18.79 -0.67
N ILE B 31 9.47 19.18 0.58
CA ILE B 31 8.76 20.27 1.23
C ILE B 31 9.55 21.55 0.93
N THR B 32 8.88 22.56 0.39
CA THR B 32 9.55 23.83 0.09
C THR B 32 9.83 24.56 1.37
N LYS B 33 10.71 25.56 1.28
CA LYS B 33 11.06 26.40 2.40
C LYS B 33 9.86 27.28 2.79
N VAL B 34 8.98 27.58 1.81
CA VAL B 34 7.80 28.46 2.08
C VAL B 34 6.75 27.76 2.94
N GLU B 35 6.50 26.49 2.64
CA GLU B 35 5.61 25.63 3.44
C GLU B 35 6.07 25.59 4.90
N ARG B 36 7.37 25.41 5.13
CA ARG B 36 7.95 25.39 6.49
C ARG B 36 7.80 26.75 7.21
N GLU B 37 8.19 27.83 6.53
CA GLU B 37 8.15 29.18 7.13
C GLU B 37 6.73 29.60 7.55
N ALA B 38 5.74 29.23 6.74
CA ALA B 38 4.32 29.45 7.07
C ALA B 38 3.90 28.84 8.43
N VAL B 39 4.39 27.61 8.71
CA VAL B 39 4.18 26.98 10.00
C VAL B 39 4.99 27.70 11.08
N LEU B 40 6.25 27.99 10.78
CA LEU B 40 7.17 28.58 11.75
C LEU B 40 6.77 29.99 12.22
N VAL B 41 6.09 30.79 11.38
CA VAL B 41 5.64 32.13 11.81
C VAL B 41 4.50 32.09 12.83
N CYS B 42 3.70 31.02 12.86
CA CYS B 42 2.53 30.98 13.75
C CYS B 42 2.92 31.19 15.22
N GLU B 43 2.39 32.28 15.78
CA GLU B 43 2.47 32.52 17.19
C GLU B 43 1.43 31.55 17.74
N LEU B 44 1.61 31.16 18.99
CA LEU B 44 0.53 30.53 19.74
C LEU B 44 0.27 31.28 21.04
N PRO B 45 -0.02 32.62 20.95
CA PRO B 45 -0.27 33.37 22.18
C PRO B 45 -1.70 33.01 22.64
N SER B 46 -1.89 32.91 23.96
CA SER B 46 -3.13 32.47 24.61
C SER B 46 -3.47 30.96 24.58
N PHE B 47 -2.52 30.10 24.22
CA PHE B 47 -2.74 28.65 24.07
C PHE B 47 -1.66 27.86 24.81
N ASP B 48 -2.06 26.98 25.72
CA ASP B 48 -1.17 25.94 26.29
C ASP B 48 -1.53 24.54 25.70
N VAL B 49 -0.66 24.05 24.83
CA VAL B 49 -0.90 22.82 24.06
C VAL B 49 -0.73 21.54 24.89
N THR B 50 -0.07 21.67 26.04
CA THR B 50 0.12 20.56 26.97
C THR B 50 -1.10 20.34 27.92
N ASP B 51 -2.08 21.25 27.95
CA ASP B 51 -3.18 21.20 28.93
C ASP B 51 -4.38 20.33 28.46
N VAL B 52 -5.03 19.65 29.40
CA VAL B 52 -6.19 18.75 29.10
C VAL B 52 -7.44 19.49 28.58
N GLU B 53 -7.47 20.81 28.81
CA GLU B 53 -8.59 21.67 28.34
C GLU B 53 -8.24 22.50 27.12
N PHE B 54 -7.05 22.30 26.55
CA PHE B 54 -6.70 22.87 25.22
C PHE B 54 -7.84 22.69 24.19
N ASP B 55 -8.19 23.79 23.54
CA ASP B 55 -9.32 23.80 22.60
C ASP B 55 -8.82 23.95 21.17
N LEU B 56 -8.72 22.82 20.45
CA LEU B 56 -8.23 22.82 19.07
C LEU B 56 -9.12 23.64 18.16
N PHE B 57 -10.44 23.54 18.36
CA PHE B 57 -11.44 24.31 17.57
C PHE B 57 -11.23 25.82 17.67
N ARG B 58 -10.98 26.33 18.87
CA ARG B 58 -10.68 27.75 19.09
C ARG B 58 -9.30 28.16 18.53
N ALA B 59 -8.35 27.24 18.52
CA ALA B 59 -7.04 27.45 17.86
C ALA B 59 -7.21 27.62 16.34
N ARG B 60 -8.03 26.77 15.73
CA ARG B 60 -8.33 26.84 14.31
C ARG B 60 -8.95 28.19 13.88
N GLU B 61 -10.06 28.57 14.54
CA GLU B 61 -10.85 29.76 14.17
C GLU B 61 -10.16 31.13 14.52
N SER B 62 -9.11 31.11 15.35
CA SER B 62 -8.34 32.31 15.64
C SER B 62 -7.28 32.71 14.58
N THR B 63 -7.26 32.05 13.42
CA THR B 63 -6.47 32.49 12.27
C THR B 63 -7.18 32.07 11.00
N ASP B 64 -6.71 32.67 9.90
CA ASP B 64 -7.13 32.33 8.54
C ASP B 64 -6.31 31.15 7.96
N LYS B 65 -5.26 30.71 8.69
CA LYS B 65 -4.40 29.62 8.28
C LYS B 65 -4.51 28.43 9.28
N PRO B 66 -5.69 27.85 9.44
CA PRO B 66 -5.84 26.87 10.53
C PRO B 66 -5.00 25.58 10.33
N LEU B 67 -4.78 25.17 9.07
CA LEU B 67 -3.88 24.09 8.73
C LEU B 67 -2.42 24.33 9.13
N ASP B 68 -1.96 25.57 9.05
CA ASP B 68 -0.62 25.90 9.55
C ASP B 68 -0.60 25.94 11.05
N VAL B 69 -1.65 26.42 11.68
CA VAL B 69 -1.72 26.43 13.14
C VAL B 69 -1.70 24.97 13.67
N ALA B 70 -2.51 24.12 13.07
CA ALA B 70 -2.52 22.71 13.41
C ALA B 70 -1.11 22.11 13.32
N ALA B 71 -0.40 22.36 12.21
CA ALA B 71 0.96 21.89 12.05
C ALA B 71 1.93 22.43 13.12
N ALA B 72 1.75 23.71 13.48
CA ALA B 72 2.59 24.32 14.50
C ALA B 72 2.34 23.71 15.88
N ILE B 73 1.09 23.34 16.15
CA ILE B 73 0.78 22.66 17.40
C ILE B 73 1.54 21.34 17.52
N ALA B 74 1.50 20.51 16.49
CA ALA B 74 2.20 19.24 16.47
C ALA B 74 3.71 19.44 16.60
N TYR B 75 4.21 20.43 15.87
CA TYR B 75 5.64 20.75 15.87
C TYR B 75 6.11 21.14 17.27
N ARG B 76 5.41 22.09 17.89
CA ARG B 76 5.73 22.53 19.27
C ARG B 76 5.55 21.43 20.31
N LEU B 77 4.49 20.61 20.23
CA LEU B 77 4.37 19.47 21.13
C LEU B 77 5.60 18.59 21.04
N LEU B 78 5.93 18.21 19.80
CA LEU B 78 7.01 17.27 19.60
C LEU B 78 8.34 17.87 20.04
N LEU B 79 8.66 19.07 19.56
CA LEU B 79 9.92 19.70 19.99
C LEU B 79 9.98 19.96 21.49
N GLY B 80 8.88 20.43 22.05
CA GLY B 80 8.79 20.74 23.47
C GLY B 80 9.02 19.52 24.33
N SER B 81 8.72 18.32 23.83
CA SER B 81 8.94 17.09 24.61
C SER B 81 10.42 16.76 24.80
N GLY B 82 11.31 17.31 23.98
CA GLY B 82 12.70 16.90 23.96
C GLY B 82 12.98 15.58 23.26
N LEU B 83 11.95 14.83 22.85
CA LEU B 83 12.16 13.49 22.34
C LEU B 83 12.83 13.44 20.94
N PRO B 84 12.38 14.27 19.96
CA PRO B 84 13.09 14.19 18.66
C PRO B 84 14.61 14.48 18.74
N GLN B 85 14.99 15.46 19.55
CA GLN B 85 16.39 15.87 19.71
C GLN B 85 17.16 14.73 20.34
N LYS B 86 16.59 14.05 21.33
CA LYS B 86 17.26 12.89 21.94
C LYS B 86 17.51 11.74 20.98
N PHE B 87 16.65 11.56 20.00
CA PHE B 87 16.77 10.46 19.06
C PHE B 87 17.27 10.86 17.65
N GLY B 88 17.99 11.98 17.60
CA GLY B 88 18.70 12.36 16.40
C GLY B 88 17.81 12.86 15.28
N CYS B 89 16.58 13.28 15.58
CA CYS B 89 15.71 13.88 14.57
C CYS B 89 15.85 15.39 14.63
N SER B 90 16.37 15.98 13.57
CA SER B 90 16.49 17.43 13.50
C SER B 90 15.12 18.11 13.39
N ASP B 91 15.08 19.39 13.77
CA ASP B 91 13.89 20.23 13.68
C ASP B 91 13.34 20.20 12.27
N GLU B 92 14.24 20.29 11.28
CA GLU B 92 13.81 20.35 9.91
C GLU B 92 13.16 19.05 9.45
N VAL B 93 13.75 17.92 9.85
CA VAL B 93 13.21 16.62 9.49
C VAL B 93 11.83 16.43 10.12
N LEU B 94 11.70 16.83 11.38
CA LEU B 94 10.39 16.78 12.05
C LEU B 94 9.33 17.57 11.31
N LEU B 95 9.67 18.79 10.96
CA LEU B 95 8.71 19.67 10.32
C LEU B 95 8.38 19.16 8.97
N ASN B 96 9.35 18.59 8.26
CA ASN B 96 9.06 17.99 6.93
C ASN B 96 8.08 16.82 7.09
N PHE B 97 8.33 15.99 8.09
CA PHE B 97 7.49 14.85 8.40
C PHE B 97 6.03 15.29 8.66
N ILE B 98 5.87 16.32 9.48
CA ILE B 98 4.54 16.82 9.85
C ILE B 98 3.79 17.30 8.60
N LEU B 99 4.52 17.97 7.72
CA LEU B 99 3.95 18.50 6.48
C LEU B 99 3.65 17.45 5.42
N GLN B 100 4.44 16.38 5.38
CA GLN B 100 4.14 15.25 4.50
C GLN B 100 2.93 14.49 5.01
N CYS B 101 2.74 14.40 6.35
CA CYS B 101 1.50 13.80 6.90
C CYS B 101 0.35 14.69 6.50
N ARG B 102 0.47 16.00 6.73
CA ARG B 102 -0.60 16.92 6.42
C ARG B 102 -1.10 16.81 4.97
N LYS B 103 -0.16 16.80 4.01
CA LYS B 103 -0.53 16.58 2.54
C LYS B 103 -1.40 15.35 2.30
N LYS B 104 -1.27 14.28 3.09
CA LYS B 104 -2.02 13.04 2.83
C LYS B 104 -3.32 12.94 3.60
N TYR B 105 -3.69 13.95 4.38
CA TYR B 105 -5.06 13.97 4.96
C TYR B 105 -5.97 14.69 3.97
N ARG B 106 -7.24 14.32 3.96
CA ARG B 106 -8.21 14.86 3.05
C ARG B 106 -9.13 15.91 3.71
N ASN B 107 -9.91 16.57 2.86
CA ASN B 107 -11.02 17.40 3.27
C ASN B 107 -12.26 16.52 3.51
N VAL B 108 -12.24 15.85 4.66
CA VAL B 108 -13.36 15.06 5.16
C VAL B 108 -13.81 15.70 6.47
N PRO B 109 -15.08 15.51 6.86
CA PRO B 109 -15.59 16.20 8.08
C PRO B 109 -14.86 15.91 9.39
N TYR B 110 -14.47 14.65 9.58
CA TYR B 110 -13.84 14.22 10.83
C TYR B 110 -12.38 13.71 10.72
N HIS B 111 -12.18 12.64 9.94
CA HIS B 111 -10.88 11.94 9.85
C HIS B 111 -9.84 12.68 9.01
N ASN B 112 -9.54 13.90 9.45
CA ASN B 112 -8.72 14.86 8.74
C ASN B 112 -7.51 15.20 9.59
N PHE B 113 -6.71 16.17 9.15
CA PHE B 113 -5.48 16.53 9.89
C PHE B 113 -5.75 17.00 11.30
N TYR B 114 -6.91 17.63 11.54
CA TYR B 114 -7.21 18.17 12.87
C TYR B 114 -7.44 17.00 13.81
N HIS B 115 -8.04 15.91 13.31
CA HIS B 115 -8.24 14.74 14.14
C HIS B 115 -6.94 14.19 14.67
N VAL B 116 -5.94 14.08 13.80
CA VAL B 116 -4.72 13.40 14.18
C VAL B 116 -3.87 14.30 15.02
N VAL B 117 -4.00 15.61 14.81
CA VAL B 117 -3.27 16.56 15.65
C VAL B 117 -3.91 16.50 17.04
N ASP B 118 -5.24 16.43 17.09
CA ASP B 118 -5.95 16.25 18.33
C ASP B 118 -5.51 14.98 19.05
N VAL B 119 -5.37 13.87 18.31
CA VAL B 119 -4.96 12.62 18.95
C VAL B 119 -3.52 12.72 19.52
N CYS B 120 -2.63 13.33 18.76
CA CYS B 120 -1.25 13.60 19.21
C CYS B 120 -1.25 14.41 20.52
N GLN B 121 -2.00 15.51 20.52
CA GLN B 121 -2.11 16.36 21.72
C GLN B 121 -2.68 15.60 22.92
N THR B 122 -3.73 14.84 22.67
CA THR B 122 -4.40 14.13 23.73
C THR B 122 -3.47 13.07 24.33
N ILE B 123 -2.79 12.33 23.48
CA ILE B 123 -1.84 11.31 23.94
C ILE B 123 -0.70 11.97 24.72
N HIS B 124 -0.23 13.12 24.26
CA HIS B 124 0.71 13.88 25.05
C HIS B 124 0.13 14.11 26.46
N THR B 125 -1.11 14.53 26.58
CA THR B 125 -1.64 14.75 27.96
C THR B 125 -1.74 13.44 28.73
N PHE B 126 -2.12 12.34 28.09
CA PHE B 126 -2.12 11.05 28.77
C PHE B 126 -0.75 10.66 29.28
N LEU B 127 0.29 10.88 28.45
CA LEU B 127 1.63 10.49 28.84
C LEU B 127 2.14 11.35 30.00
N TYR B 128 1.94 12.66 29.92
CA TYR B 128 2.63 13.63 30.76
C TYR B 128 1.79 14.30 31.87
N ARG B 129 0.45 14.38 31.73
CA ARG B 129 -0.46 14.73 32.83
C ARG B 129 -1.00 13.48 33.48
N GLY B 130 -1.25 12.43 32.71
CA GLY B 130 -1.72 11.18 33.26
C GLY B 130 -0.62 10.27 33.71
N ASN B 131 0.63 10.69 33.47
CA ASN B 131 1.83 9.96 33.87
C ASN B 131 1.95 8.56 33.29
N VAL B 132 1.43 8.35 32.09
CA VAL B 132 1.58 7.06 31.43
C VAL B 132 3.02 6.88 30.95
N TYR B 133 3.83 7.96 30.88
CA TYR B 133 5.30 7.77 30.69
C TYR B 133 5.93 6.77 31.67
N GLU B 134 5.31 6.60 32.85
CA GLU B 134 5.74 5.63 33.85
C GLU B 134 5.72 4.22 33.35
N LYS B 135 4.89 3.91 32.35
CA LYS B 135 4.80 2.54 31.87
C LYS B 135 5.64 2.29 30.65
N LEU B 136 6.25 3.31 30.09
CA LEU B 136 6.93 3.20 28.80
C LEU B 136 8.34 3.79 28.81
N THR B 137 9.16 3.38 27.85
CA THR B 137 10.44 4.02 27.62
C THR B 137 10.24 5.34 26.88
N GLU B 138 11.30 6.15 26.78
CA GLU B 138 11.21 7.46 26.14
C GLU B 138 11.03 7.25 24.63
N LEU B 139 11.68 6.21 24.12
CA LEU B 139 11.56 5.84 22.74
C LEU B 139 10.12 5.47 22.38
N GLU B 140 9.46 4.70 23.24
CA GLU B 140 8.05 4.38 23.06
C GLU B 140 7.15 5.63 23.09
N CYS B 141 7.41 6.56 24.01
CA CYS B 141 6.71 7.84 24.00
C CYS B 141 6.90 8.63 22.69
N PHE B 142 8.11 8.66 22.16
CA PHE B 142 8.41 9.33 20.89
C PHE B 142 7.62 8.67 19.77
N VAL B 143 7.68 7.35 19.74
CA VAL B 143 6.98 6.60 18.71
C VAL B 143 5.46 6.87 18.77
N LEU B 144 4.89 6.83 19.98
CA LEU B 144 3.47 7.14 20.09
C LEU B 144 3.07 8.52 19.57
N LEU B 145 3.81 9.54 19.95
CA LEU B 145 3.47 10.88 19.48
C LEU B 145 3.56 10.98 17.95
N ILE B 146 4.55 10.34 17.34
CA ILE B 146 4.74 10.28 15.89
C ILE B 146 3.63 9.46 15.21
N THR B 147 3.35 8.31 15.78
CA THR B 147 2.29 7.44 15.27
C THR B 147 0.92 8.09 15.27
N ALA B 148 0.61 8.91 16.28
CA ALA B 148 -0.61 9.67 16.24
C ALA B 148 -0.81 10.41 14.90
N LEU B 149 0.28 10.97 14.37
CA LEU B 149 0.16 11.80 13.16
C LEU B 149 -0.01 11.00 11.86
N VAL B 150 0.38 9.74 11.86
CA VAL B 150 0.26 8.89 10.69
C VAL B 150 -0.94 7.96 10.74
N HIS B 151 -1.65 7.92 11.85
CA HIS B 151 -2.52 6.75 12.13
C HIS B 151 -3.79 6.65 11.28
N ASP B 152 -4.19 7.73 10.60
CA ASP B 152 -5.33 7.74 9.70
C ASP B 152 -5.00 8.28 8.28
N LEU B 153 -3.74 8.17 7.85
CA LEU B 153 -3.30 8.80 6.61
C LEU B 153 -4.23 8.41 5.48
N ASP B 154 -4.70 9.44 4.75
CA ASP B 154 -5.54 9.30 3.53
C ASP B 154 -6.92 8.68 3.80
N HIS B 155 -7.41 8.82 5.05
CA HIS B 155 -8.76 8.39 5.38
C HIS B 155 -9.77 9.12 4.49
N MET B 156 -10.81 8.40 4.07
CA MET B 156 -11.82 8.92 3.13
C MET B 156 -13.20 9.06 3.79
N GLY B 157 -13.27 9.01 5.11
CA GLY B 157 -14.53 9.00 5.81
C GLY B 157 -15.33 7.73 5.75
N LEU B 158 -14.71 6.62 5.39
CA LEU B 158 -15.45 5.36 5.21
C LEU B 158 -14.75 4.29 6.01
N ASN B 159 -15.52 3.37 6.58
CA ASN B 159 -14.93 2.36 7.44
C ASN B 159 -14.57 1.12 6.64
N ASN B 160 -13.96 0.15 7.30
CA ASN B 160 -13.52 -1.09 6.64
C ASN B 160 -14.68 -1.82 6.01
N SER B 161 -15.81 -1.85 6.70
CA SER B 161 -17.02 -2.52 6.15
C SER B 161 -17.45 -1.95 4.80
N PHE B 162 -17.37 -0.64 4.63
CA PHE B 162 -17.72 -0.07 3.37
C PHE B 162 -16.95 -0.74 2.25
N TYR B 163 -15.62 -0.79 2.40
CA TYR B 163 -14.75 -1.30 1.35
C TYR B 163 -15.00 -2.79 1.10
N LEU B 164 -15.23 -3.58 2.13
CA LEU B 164 -15.47 -5.01 1.95
C LEU B 164 -16.86 -5.25 1.30
N LYS B 165 -17.87 -4.55 1.76
CA LYS B 165 -19.27 -4.85 1.34
C LYS B 165 -19.58 -4.32 -0.06
N THR B 166 -18.99 -3.19 -0.47
CA THR B 166 -19.18 -2.65 -1.82
C THR B 166 -18.17 -3.17 -2.84
N GLU B 167 -17.29 -4.08 -2.45
CA GLU B 167 -16.17 -4.52 -3.30
C GLU B 167 -15.45 -3.34 -4.00
N SER B 168 -15.22 -2.27 -3.25
CA SER B 168 -14.36 -1.20 -3.68
C SER B 168 -12.88 -1.69 -3.88
N PRO B 169 -12.11 -0.96 -4.69
CA PRO B 169 -10.79 -1.48 -5.04
C PRO B 169 -9.90 -1.85 -3.85
N LEU B 170 -9.82 -0.99 -2.84
CA LEU B 170 -9.04 -1.32 -1.63
C LEU B 170 -9.58 -2.54 -0.89
N GLY B 171 -10.91 -2.72 -0.90
CA GLY B 171 -11.48 -3.88 -0.25
C GLY B 171 -11.09 -5.16 -0.91
N ILE B 172 -11.12 -5.15 -2.25
CA ILE B 172 -10.65 -6.28 -3.07
C ILE B 172 -9.17 -6.60 -2.82
N LEU B 173 -8.33 -5.56 -2.80
CA LEU B 173 -6.93 -5.76 -2.46
C LEU B 173 -6.70 -6.46 -1.10
N SER B 174 -7.40 -6.01 -0.06
CA SER B 174 -7.27 -6.58 1.29
C SER B 174 -7.70 -8.01 1.33
N SER B 175 -8.84 -8.25 0.72
CA SER B 175 -9.45 -9.56 0.71
C SER B 175 -8.51 -10.56 0.00
N ALA B 176 -8.05 -10.18 -1.19
CA ALA B 176 -7.14 -11.04 -1.96
C ALA B 176 -5.81 -11.27 -1.23
N SER B 177 -5.29 -10.25 -0.55
CA SER B 177 -4.01 -10.38 0.18
C SER B 177 -4.08 -10.77 1.66
N GLY B 178 -5.24 -11.23 2.17
CA GLY B 178 -5.32 -11.77 3.53
C GLY B 178 -5.94 -10.91 4.63
N ASN B 179 -5.49 -9.66 4.80
CA ASN B 179 -5.85 -8.84 5.99
C ASN B 179 -7.12 -8.02 5.87
N THR B 180 -8.10 -8.25 6.76
CA THR B 180 -9.40 -7.56 6.79
C THR B 180 -9.39 -6.07 7.33
N SER B 181 -8.27 -5.62 7.93
CA SER B 181 -8.09 -4.23 8.38
C SER B 181 -7.66 -3.34 7.21
N VAL B 182 -8.58 -3.14 6.29
CA VAL B 182 -8.33 -2.44 5.02
C VAL B 182 -7.63 -1.08 5.21
N LEU B 183 -8.24 -0.22 6.01
CA LEU B 183 -7.72 1.11 6.20
C LEU B 183 -6.40 1.19 6.95
N GLU B 184 -6.30 0.41 8.02
CA GLU B 184 -5.17 0.48 8.92
C GLU B 184 -3.91 0.03 8.17
N VAL B 185 -4.03 -1.01 7.33
CA VAL B 185 -2.90 -1.44 6.48
C VAL B 185 -2.57 -0.28 5.52
N HIS B 186 -3.58 0.31 4.92
CA HIS B 186 -3.36 1.46 4.05
C HIS B 186 -2.62 2.59 4.75
N HIS B 187 -3.03 2.93 5.99
CA HIS B 187 -2.34 3.99 6.73
C HIS B 187 -0.87 3.65 6.97
N CYS B 188 -0.60 2.42 7.40
CA CYS B 188 0.76 1.95 7.61
C CYS B 188 1.65 2.07 6.38
N ASN B 189 1.11 1.64 5.23
CA ASN B 189 1.77 1.77 3.92
C ASN B 189 2.20 3.20 3.65
N LEU B 190 1.30 4.16 3.87
CA LEU B 190 1.64 5.55 3.61
C LEU B 190 2.62 6.07 4.65
N ALA B 191 2.53 5.57 5.87
CA ALA B 191 3.50 6.00 6.88
C ALA B 191 4.88 5.56 6.46
N VAL B 192 4.99 4.32 6.00
CA VAL B 192 6.26 3.78 5.56
C VAL B 192 6.83 4.56 4.39
N GLU B 193 5.97 4.91 3.45
CA GLU B 193 6.37 5.72 2.30
C GLU B 193 6.91 7.08 2.75
N ILE B 194 6.24 7.74 3.69
CA ILE B 194 6.74 9.01 4.20
C ILE B 194 8.12 8.86 4.86
N LEU B 195 8.28 7.80 5.63
CA LEU B 195 9.52 7.56 6.37
C LEU B 195 10.67 7.07 5.49
N SER B 196 10.37 6.58 4.28
CA SER B 196 11.42 6.09 3.37
C SER B 196 12.22 7.23 2.73
N ASP B 197 11.68 8.44 2.72
CA ASP B 197 12.45 9.64 2.33
C ASP B 197 13.29 10.21 3.50
N PRO B 198 14.65 10.30 3.37
CA PRO B 198 15.47 10.71 4.51
C PRO B 198 15.18 12.09 5.07
N GLU B 199 14.68 12.98 4.23
CA GLU B 199 14.34 14.33 4.63
C GLU B 199 13.06 14.42 5.49
N SER B 200 12.27 13.34 5.58
CA SER B 200 11.13 13.27 6.49
C SER B 200 11.16 12.01 7.38
N ASP B 201 12.32 11.35 7.49
CA ASP B 201 12.44 10.17 8.33
C ASP B 201 12.82 10.52 9.76
N VAL B 202 11.79 10.66 10.61
CA VAL B 202 12.00 10.99 12.00
C VAL B 202 12.65 9.87 12.77
N PHE B 203 12.69 8.65 12.22
CA PHE B 203 13.46 7.56 12.82
C PHE B 203 14.91 7.31 12.29
N ASP B 204 15.44 8.25 11.49
CA ASP B 204 16.74 8.08 10.84
C ASP B 204 17.90 8.06 11.81
N GLY B 205 17.76 8.78 12.92
CA GLY B 205 18.77 8.81 13.97
C GLY B 205 18.83 7.58 14.84
N LEU B 206 17.92 6.62 14.65
CA LEU B 206 17.96 5.36 15.38
C LEU B 206 18.71 4.30 14.60
N GLU B 207 19.25 3.32 15.32
CA GLU B 207 19.87 2.17 14.65
C GLU B 207 19.51 0.89 15.34
N GLY B 208 19.77 -0.20 14.63
CA GLY B 208 19.65 -1.53 15.19
C GLY B 208 18.29 -1.81 15.78
N ALA B 209 18.27 -2.34 16.98
CA ALA B 209 17.06 -2.78 17.65
C ALA B 209 16.10 -1.61 17.91
N GLU B 210 16.63 -0.42 18.12
CA GLU B 210 15.78 0.73 18.35
C GLU B 210 15.01 1.15 17.09
N ARG B 211 15.68 1.16 15.94
CA ARG B 211 15.01 1.45 14.70
C ARG B 211 13.96 0.38 14.37
N THR B 212 14.28 -0.89 14.60
CA THR B 212 13.30 -1.97 14.38
C THR B 212 12.05 -1.85 15.28
N LEU B 213 12.29 -1.55 16.55
CA LEU B 213 11.22 -1.37 17.50
C LEU B 213 10.33 -0.18 17.09
N ALA B 214 10.91 0.92 16.63
CA ALA B 214 10.14 2.06 16.17
C ALA B 214 9.14 1.68 15.09
N PHE B 215 9.61 0.96 14.06
CA PHE B 215 8.73 0.57 12.96
C PHE B 215 7.72 -0.48 13.37
N ARG B 216 8.18 -1.49 14.06
CA ARG B 216 7.29 -2.55 14.48
C ARG B 216 6.19 -2.03 15.42
N SER B 217 6.55 -1.14 16.35
CA SER B 217 5.58 -0.65 17.33
C SER B 217 4.61 0.33 16.67
N MET B 218 5.11 1.20 15.77
CA MET B 218 4.22 2.08 15.00
C MET B 218 3.14 1.30 14.28
N ILE B 219 3.56 0.26 13.59
CA ILE B 219 2.68 -0.55 12.76
C ILE B 219 1.65 -1.29 13.63
N ASP B 220 2.12 -1.95 14.69
CA ASP B 220 1.22 -2.60 15.63
C ASP B 220 0.16 -1.66 16.23
N CYS B 221 0.57 -0.41 16.54
CA CYS B 221 -0.33 0.55 17.13
C CYS B 221 -1.38 0.93 16.12
N VAL B 222 -0.97 1.17 14.89
CA VAL B 222 -1.94 1.56 13.86
C VAL B 222 -2.88 0.43 13.56
N LEU B 223 -2.35 -0.77 13.44
CA LEU B 223 -3.23 -1.93 13.18
C LEU B 223 -4.21 -2.13 14.32
N ALA B 224 -3.78 -1.81 15.55
CA ALA B 224 -4.65 -1.92 16.73
C ALA B 224 -5.77 -0.88 16.79
N THR B 225 -5.75 0.17 15.96
CA THR B 225 -6.88 1.10 15.95
C THR B 225 -8.16 0.60 15.22
N ASP B 226 -8.11 -0.55 14.57
CA ASP B 226 -9.31 -1.12 13.88
C ASP B 226 -10.32 -1.50 14.94
N MET B 227 -11.49 -0.90 14.92
CA MET B 227 -12.47 -1.16 15.98
C MET B 227 -13.01 -2.60 16.02
N ALA B 228 -12.84 -3.38 14.96
CA ALA B 228 -13.12 -4.82 15.03
C ALA B 228 -12.19 -5.52 16.01
N LYS B 229 -11.01 -4.94 16.29
CA LYS B 229 -10.06 -5.54 17.23
C LYS B 229 -10.16 -4.97 18.61
N HIS B 230 -11.11 -4.09 18.85
CA HIS B 230 -11.23 -3.34 20.13
C HIS B 230 -11.26 -4.23 21.38
N GLY B 231 -12.20 -5.18 21.42
CA GLY B 231 -12.33 -6.10 22.56
C GLY B 231 -11.06 -6.93 22.75
N SER B 232 -10.50 -7.46 21.67
CA SER B 232 -9.27 -8.25 21.74
C SER B 232 -8.10 -7.46 22.26
N ALA B 233 -7.98 -6.23 21.80
CA ALA B 233 -6.91 -5.36 22.27
C ALA B 233 -7.03 -5.07 23.76
N LEU B 234 -8.25 -4.77 24.18
CA LEU B 234 -8.54 -4.53 25.59
C LEU B 234 -8.27 -5.74 26.45
N GLU B 235 -8.78 -6.92 26.07
CA GLU B 235 -8.52 -8.14 26.83
C GLU B 235 -7.00 -8.39 26.96
N ALA B 236 -6.28 -8.27 25.82
CA ALA B 236 -4.86 -8.54 25.84
C ALA B 236 -4.12 -7.54 26.73
N PHE B 237 -4.50 -6.27 26.68
CA PHE B 237 -3.91 -5.28 27.60
C PHE B 237 -4.16 -5.62 29.05
N LEU B 238 -5.40 -5.98 29.39
CA LEU B 238 -5.77 -6.25 30.78
C LEU B 238 -5.02 -7.50 31.29
N ALA B 239 -4.88 -8.52 30.46
CA ALA B 239 -4.21 -9.75 30.83
C ALA B 239 -2.73 -9.44 31.09
N SER B 240 -2.13 -8.69 30.20
CA SER B 240 -0.73 -8.28 30.32
C SER B 240 -0.45 -7.34 31.51
N ALA B 241 -1.45 -6.53 31.89
CA ALA B 241 -1.34 -5.66 33.08
C ALA B 241 -1.45 -6.43 34.41
N ALA B 242 -2.19 -7.53 34.42
CA ALA B 242 -2.41 -8.30 35.63
C ALA B 242 -1.17 -9.13 35.96
N ASP B 243 -0.40 -9.50 34.93
CA ASP B 243 0.93 -10.03 35.16
C ASP B 243 1.94 -9.36 34.24
N GLN B 244 2.40 -8.19 34.68
CA GLN B 244 3.45 -7.42 33.93
C GLN B 244 4.82 -8.13 34.00
N SER B 245 5.07 -8.85 35.09
CA SER B 245 6.40 -9.46 35.32
C SER B 245 6.63 -10.63 34.38
N SER B 246 5.59 -11.41 34.13
CA SER B 246 5.76 -12.54 33.21
C SER B 246 6.31 -12.03 31.89
N ASP B 247 5.69 -10.97 31.31
CA ASP B 247 6.14 -10.42 30.03
C ASP B 247 6.13 -8.86 29.86
N GLU B 248 7.26 -8.27 30.22
CA GLU B 248 7.42 -6.83 30.18
C GLU B 248 7.27 -6.31 28.76
N ALA B 249 7.93 -6.92 27.79
CA ALA B 249 7.82 -6.52 26.40
C ALA B 249 6.37 -6.46 25.87
N ALA B 250 5.58 -7.43 26.26
CA ALA B 250 4.20 -7.55 25.82
C ALA B 250 3.35 -6.47 26.50
N PHE B 251 3.57 -6.23 27.80
CA PHE B 251 2.91 -5.15 28.50
C PHE B 251 3.20 -3.77 27.88
N HIS B 252 4.48 -3.51 27.56
CA HIS B 252 4.86 -2.25 26.92
C HIS B 252 4.16 -2.08 25.60
N ARG B 253 4.14 -3.13 24.78
CA ARG B 253 3.55 -3.02 23.46
C ARG B 253 2.01 -2.83 23.58
N MET B 254 1.39 -3.59 24.48
CA MET B 254 -0.05 -3.45 24.69
C MET B 254 -0.40 -2.07 25.24
N THR B 255 0.44 -1.52 26.07
CA THR B 255 0.24 -0.18 26.56
C THR B 255 0.27 0.85 25.42
N MET B 256 1.18 0.66 24.49
CA MET B 256 1.26 1.54 23.35
C MET B 256 -0.01 1.43 22.53
N GLU B 257 -0.44 0.20 22.28
CA GLU B 257 -1.66 0.02 21.51
C GLU B 257 -2.88 0.70 22.16
N ILE B 258 -2.97 0.49 23.47
CA ILE B 258 -4.10 0.99 24.24
C ILE B 258 -4.10 2.52 24.36
N ILE B 259 -2.93 3.13 24.44
CA ILE B 259 -2.85 4.58 24.49
C ILE B 259 -3.22 5.18 23.16
N LEU B 260 -2.80 4.57 22.05
CA LEU B 260 -3.23 5.11 20.75
C LEU B 260 -4.75 4.94 20.63
N LYS B 261 -5.24 3.78 21.01
CA LYS B 261 -6.67 3.56 21.02
C LYS B 261 -7.42 4.60 21.86
N ALA B 262 -6.91 4.86 23.08
CA ALA B 262 -7.51 5.83 23.98
C ALA B 262 -7.58 7.24 23.36
N GLY B 263 -6.47 7.68 22.76
CA GLY B 263 -6.46 8.97 22.07
C GLY B 263 -7.47 9.06 20.94
N ASP B 264 -7.61 7.96 20.22
CA ASP B 264 -8.50 7.87 19.07
C ASP B 264 -9.98 8.00 19.42
N ILE B 265 -10.37 7.52 20.60
CA ILE B 265 -11.77 7.67 21.07
C ILE B 265 -11.87 8.65 22.24
N SER B 266 -10.97 9.62 22.30
CA SER B 266 -10.86 10.52 23.45
C SER B 266 -11.82 11.71 23.38
N ASN B 267 -12.58 11.88 22.30
CA ASN B 267 -13.45 13.05 22.15
C ASN B 267 -14.45 13.23 23.34
N VAL B 268 -14.98 12.10 23.83
CA VAL B 268 -15.88 12.08 24.92
C VAL B 268 -15.21 12.43 26.27
N THR B 269 -13.88 12.58 26.33
CA THR B 269 -13.18 12.95 27.58
C THR B 269 -12.84 14.40 27.63
N LYS B 270 -13.35 15.16 26.65
CA LYS B 270 -13.06 16.60 26.52
C LYS B 270 -14.19 17.49 27.06
N PRO B 271 -13.89 18.75 27.37
CA PRO B 271 -14.99 19.69 27.79
C PRO B 271 -16.12 19.61 26.80
N PHE B 272 -17.33 19.68 27.32
CA PHE B 272 -18.52 19.34 26.59
C PHE B 272 -18.63 20.00 25.21
N ASP B 273 -18.32 21.28 25.15
CA ASP B 273 -18.47 22.00 23.89
C ASP B 273 -17.58 21.43 22.81
N ILE B 274 -16.35 21.10 23.22
CA ILE B 274 -15.37 20.49 22.32
C ILE B 274 -15.87 19.09 21.87
N SER B 275 -16.32 18.31 22.85
CA SER B 275 -16.80 16.96 22.61
C SER B 275 -17.97 16.99 21.61
N ARG B 276 -18.88 17.92 21.78
CA ARG B 276 -20.02 18.08 20.90
C ARG B 276 -19.65 18.41 19.44
N GLN B 277 -18.68 19.30 19.27
CA GLN B 277 -18.19 19.63 17.90
C GLN B 277 -17.61 18.41 17.17
N TRP B 278 -16.82 17.59 17.88
CA TRP B 278 -16.34 16.35 17.29
C TRP B 278 -17.50 15.43 16.95
N ALA B 279 -18.46 15.32 17.86
CA ALA B 279 -19.62 14.47 17.62
C ALA B 279 -20.41 14.89 16.35
N MET B 280 -20.55 16.20 16.11
CA MET B 280 -21.27 16.66 14.90
C MET B 280 -20.57 16.19 13.67
N ALA B 281 -19.24 16.35 13.69
CA ALA B 281 -18.41 16.02 12.54
C ALA B 281 -18.39 14.49 12.22
N VAL B 282 -18.27 13.66 13.25
CA VAL B 282 -18.22 12.24 13.02
C VAL B 282 -19.57 11.72 12.56
N THR B 283 -20.61 12.31 13.08
CA THR B 283 -21.97 11.89 12.75
C THR B 283 -22.22 12.15 11.27
N GLU B 284 -21.76 13.29 10.76
CA GLU B 284 -21.87 13.55 9.33
C GLU B 284 -21.17 12.48 8.48
N GLU B 285 -19.98 12.02 8.90
CA GLU B 285 -19.26 10.93 8.16
C GLU B 285 -20.05 9.63 8.16
N PHE B 286 -20.61 9.28 9.28
CA PHE B 286 -21.46 8.09 9.32
C PHE B 286 -22.59 8.16 8.32
N TYR B 287 -23.22 9.34 8.26
CA TYR B 287 -24.38 9.50 7.38
C TYR B 287 -24.01 9.45 5.91
N ARG B 288 -22.87 10.06 5.59
CA ARG B 288 -22.39 10.03 4.23
C ARG B 288 -22.01 8.64 3.77
N GLN B 289 -21.46 7.82 4.67
CA GLN B 289 -21.17 6.43 4.33
C GLN B 289 -22.46 5.69 4.02
N GLY B 290 -23.48 5.93 4.84
CA GLY B 290 -24.73 5.26 4.66
C GLY B 290 -25.39 5.65 3.35
N ASP B 291 -25.35 6.95 2.99
CA ASP B 291 -25.90 7.41 1.71
C ASP B 291 -25.17 6.66 0.56
N MET B 292 -23.85 6.70 0.58
CA MET B 292 -23.02 5.98 -0.38
C MET B 292 -23.29 4.48 -0.42
N GLU B 293 -23.57 3.86 0.71
CA GLU B 293 -23.89 2.43 0.74
C GLU B 293 -25.25 2.20 0.10
N LYS B 294 -26.24 3.04 0.41
CA LYS B 294 -27.59 2.92 -0.16
C LYS B 294 -27.58 3.01 -1.69
N GLU B 295 -26.81 3.96 -2.22
CA GLU B 295 -26.72 4.16 -3.66
C GLU B 295 -25.91 3.03 -4.34
N ARG B 296 -25.10 2.29 -3.60
CA ARG B 296 -24.35 1.10 -4.13
C ARG B 296 -25.11 -0.19 -3.82
N GLY B 297 -26.37 -0.04 -3.41
CA GLY B 297 -27.26 -1.17 -3.25
C GLY B 297 -26.96 -2.08 -2.08
N VAL B 298 -26.37 -1.57 -1.00
CA VAL B 298 -26.26 -2.37 0.22
C VAL B 298 -27.18 -1.79 1.29
N GLU B 299 -27.89 -2.65 2.01
CA GLU B 299 -28.65 -2.24 3.18
C GLU B 299 -27.75 -1.78 4.32
N VAL B 300 -28.25 -0.81 5.06
CA VAL B 300 -27.50 0.08 5.94
C VAL B 300 -28.01 -0.04 7.37
N LEU B 301 -27.10 -0.15 8.33
CA LEU B 301 -27.52 -0.11 9.74
C LEU B 301 -28.02 1.30 10.09
N PRO B 302 -29.06 1.38 10.95
CA PRO B 302 -29.69 2.66 11.19
C PRO B 302 -28.80 3.76 11.74
N MET B 303 -27.78 3.41 12.50
CA MET B 303 -26.77 4.40 12.94
C MET B 303 -26.14 5.20 11.75
N PHE B 304 -26.05 4.56 10.57
CA PHE B 304 -25.48 5.20 9.37
C PHE B 304 -26.54 5.92 8.49
N ASP B 305 -27.80 5.85 8.89
CA ASP B 305 -28.94 6.26 8.10
C ASP B 305 -29.49 7.62 8.54
N ARG B 306 -29.18 8.63 7.77
CA ARG B 306 -29.64 10.02 8.00
C ARG B 306 -31.11 10.18 8.40
N SER B 307 -31.97 9.42 7.72
CA SER B 307 -33.40 9.46 7.91
C SER B 307 -33.91 8.69 9.13
N LYS B 308 -33.07 7.94 9.83
CA LYS B 308 -33.50 7.19 11.02
C LYS B 308 -33.06 7.86 12.35
N ASN B 309 -32.72 9.15 12.31
CA ASN B 309 -32.03 9.76 13.44
C ASN B 309 -32.35 11.25 13.38
N MET B 310 -32.40 11.87 14.56
CA MET B 310 -32.67 13.27 14.74
C MET B 310 -31.46 13.91 15.39
N GLU B 311 -31.45 14.02 16.71
CA GLU B 311 -30.39 14.71 17.44
C GLU B 311 -29.14 13.82 17.70
N LEU B 312 -28.17 14.43 18.36
CA LEU B 312 -26.85 13.88 18.65
C LEU B 312 -26.73 13.08 20.02
N ALA B 313 -27.57 13.44 20.98
CA ALA B 313 -27.40 13.00 22.34
C ALA B 313 -27.49 11.50 22.56
N LYS B 314 -28.45 10.81 21.93
CA LYS B 314 -28.62 9.37 22.18
C LYS B 314 -27.42 8.57 21.67
N GLY B 315 -26.88 8.97 20.52
CA GLY B 315 -25.68 8.40 19.97
C GLY B 315 -24.44 8.59 20.83
N GLN B 316 -24.26 9.78 21.39
CA GLN B 316 -23.15 10.02 22.30
C GLN B 316 -23.31 9.25 23.57
N ILE B 317 -24.52 9.22 24.10
CA ILE B 317 -24.76 8.49 25.35
C ILE B 317 -24.52 7.00 25.11
N GLY B 318 -24.94 6.52 23.94
CA GLY B 318 -24.77 5.13 23.53
C GLY B 318 -23.32 4.72 23.40
N PHE B 319 -22.55 5.55 22.72
CA PHE B 319 -21.10 5.34 22.60
C PHE B 319 -20.40 5.34 23.94
N ILE B 320 -20.78 6.29 24.78
CA ILE B 320 -20.25 6.34 26.13
C ILE B 320 -20.55 5.07 26.89
N ASP B 321 -21.81 4.65 26.91
CA ASP B 321 -22.20 3.53 27.76
C ASP B 321 -21.67 2.22 27.30
N PHE B 322 -21.65 2.01 25.99
CA PHE B 322 -21.31 0.72 25.43
C PHE B 322 -19.87 0.58 24.95
N VAL B 323 -19.12 1.66 24.76
CA VAL B 323 -17.75 1.58 24.33
C VAL B 323 -16.81 2.33 25.26
N ALA B 324 -16.95 3.66 25.34
CA ALA B 324 -15.88 4.47 25.92
C ALA B 324 -15.76 4.38 27.43
N ALA B 325 -16.90 4.49 28.15
CA ALA B 325 -16.85 4.48 29.63
C ALA B 325 -16.23 3.19 30.16
N PRO B 326 -16.66 2.00 29.66
CA PRO B 326 -16.02 0.77 30.14
C PRO B 326 -14.57 0.67 29.77
N PHE B 327 -14.23 1.13 28.58
CA PHE B 327 -12.84 1.09 28.11
C PHE B 327 -11.95 1.91 29.03
N PHE B 328 -12.30 3.19 29.18
CA PHE B 328 -11.48 4.07 30.06
C PHE B 328 -11.53 3.65 31.54
N GLN B 329 -12.69 3.24 32.07
CA GLN B 329 -12.77 2.79 33.45
C GLN B 329 -11.89 1.58 33.63
N LYS B 330 -11.93 0.62 32.69
CA LYS B 330 -11.12 -0.59 32.87
C LYS B 330 -9.59 -0.34 32.79
N ILE B 331 -9.17 0.48 31.85
CA ILE B 331 -7.72 0.69 31.71
C ILE B 331 -7.20 1.50 32.87
N VAL B 332 -8.02 2.43 33.37
CA VAL B 332 -7.68 3.22 34.56
C VAL B 332 -7.61 2.34 35.82
N ASP B 333 -8.62 1.51 36.06
CA ASP B 333 -8.61 0.58 37.19
C ASP B 333 -7.47 -0.40 37.11
N ALA B 334 -7.20 -0.96 35.92
CA ALA B 334 -6.16 -2.00 35.77
C ALA B 334 -4.74 -1.48 36.01
N CYS B 335 -4.45 -0.24 35.60
CA CYS B 335 -3.13 0.36 35.89
C CYS B 335 -2.88 1.80 35.50
N LEU B 336 -3.79 2.48 34.83
CA LEU B 336 -3.56 3.88 34.41
C LEU B 336 -4.32 4.86 35.31
N GLN B 337 -4.05 4.75 36.62
CA GLN B 337 -4.68 5.58 37.70
C GLN B 337 -4.63 7.08 37.43
N GLY B 338 -3.54 7.52 36.84
CA GLY B 338 -3.32 8.90 36.50
C GLY B 338 -4.24 9.44 35.43
N MET B 339 -4.95 8.54 34.73
CA MET B 339 -5.92 8.97 33.72
C MET B 339 -7.35 9.01 34.25
N GLN B 340 -7.50 9.13 35.58
CA GLN B 340 -8.80 9.13 36.25
C GLN B 340 -9.72 10.22 35.69
N TRP B 341 -9.17 11.39 35.40
CA TRP B 341 -9.97 12.49 34.87
C TRP B 341 -10.80 12.16 33.63
N THR B 342 -10.34 11.19 32.83
CA THR B 342 -11.05 10.81 31.62
C THR B 342 -12.41 10.22 31.98
N VAL B 343 -12.44 9.34 32.97
CA VAL B 343 -13.68 8.71 33.44
C VAL B 343 -14.62 9.76 34.01
N ASP B 344 -14.07 10.70 34.79
CA ASP B 344 -14.88 11.80 35.38
C ASP B 344 -15.49 12.67 34.30
N ARG B 345 -14.66 13.02 33.32
CA ARG B 345 -15.16 13.87 32.26
C ARG B 345 -16.19 13.15 31.36
N ILE B 346 -16.01 11.85 31.14
CA ILE B 346 -17.00 11.09 30.38
C ILE B 346 -18.35 11.11 31.11
N LYS B 347 -18.28 10.84 32.40
CA LYS B 347 -19.44 10.84 33.29
C LYS B 347 -20.16 12.15 33.24
N SER B 348 -19.44 13.28 33.23
CA SER B 348 -20.13 14.57 33.21
C SER B 348 -20.64 14.99 31.86
N ASN B 349 -19.95 14.59 30.79
CA ASN B 349 -20.49 14.79 29.43
C ASN B 349 -21.75 13.95 29.22
N ARG B 350 -21.74 12.73 29.72
CA ARG B 350 -22.90 11.88 29.56
C ARG B 350 -24.11 12.51 30.27
N ALA B 351 -23.93 12.94 31.52
CA ALA B 351 -25.01 13.60 32.28
C ALA B 351 -25.52 14.82 31.55
N GLN B 352 -24.62 15.58 30.95
CA GLN B 352 -25.06 16.70 30.17
C GLN B 352 -25.94 16.27 28.95
N TRP B 353 -25.54 15.22 28.24
CA TRP B 353 -26.35 14.71 27.13
C TRP B 353 -27.67 14.15 27.65
N GLU B 354 -27.64 13.54 28.82
CA GLU B 354 -28.83 12.97 29.40
C GLU B 354 -29.83 14.10 29.73
N ARG B 355 -29.34 15.28 30.14
CA ARG B 355 -30.22 16.43 30.35
C ARG B 355 -30.79 17.01 29.07
N VAL B 356 -30.03 16.97 28.00
CA VAL B 356 -30.54 17.37 26.70
C VAL B 356 -31.75 16.45 26.34
N LEU B 357 -31.60 15.15 26.57
CA LEU B 357 -32.68 14.20 26.34
C LEU B 357 -33.88 14.40 27.25
N GLU B 358 -33.64 14.53 28.56
CA GLU B 358 -34.74 14.72 29.53
C GLU B 358 -35.55 16.02 29.29
N THR B 359 -34.93 17.02 28.65
CA THR B 359 -35.63 18.10 27.95
C THR B 359 -36.14 17.56 26.61
#